data_4IUG
#
_entry.id   4IUG
#
_cell.length_a   146.380
_cell.length_b   146.380
_cell.length_c   136.330
_cell.angle_alpha   90.00
_cell.angle_beta   90.00
_cell.angle_gamma   120.00
#
_symmetry.space_group_name_H-M   'P 32 2 1'
#
loop_
_entity.id
_entity.type
_entity.pdbx_description
1 polymer 'Beta-galactosidase A'
2 branched alpha-D-mannopyranose-(1-2)-alpha-D-mannopyranose-(1-3)-beta-D-mannopyranose-(1-4)-2-acetamido-2-deoxy-beta-D-glucopyranose-(1-4)-2-acetamido-2-deoxy-beta-D-glucopyranose
3 branched alpha-D-mannopyranose-(1-2)-alpha-D-mannopyranose-(1-3)-[alpha-D-mannopyranose-(1-3)-alpha-D-mannopyranose-(1-6)]beta-D-mannopyranose-(1-4)-2-acetamido-2-deoxy-beta-D-glucopyranose-(1-4)-2-acetamido-2-deoxy-beta-D-glucopyranose
4 branched 2-acetamido-2-deoxy-beta-D-glucopyranose-(1-4)-2-acetamido-2-deoxy-beta-D-glucopyranose
5 branched alpha-D-mannopyranose-(1-2)-alpha-D-mannopyranose-(1-2)-[alpha-D-mannopyranose-(1-6)]alpha-D-mannopyranose-(1-3)-[alpha-D-mannopyranose-(1-3)-[alpha-D-mannopyranose-(1-6)]alpha-D-mannopyranose-(1-6)]beta-D-mannopyranose-(1-4)-2-acetamido-2-deoxy-beta-D-glucopyranose-(1-4)-2-acetamido-2-deoxy-beta-D-glucopyranose
6 branched 2-acetamido-2-deoxy-beta-D-glucopyranose-(1-4)-beta-D-mannopyranose-(1-3)-2-acetamido-2-deoxy-beta-D-glucopyranose-(1-4)-6-O-phosphono-beta-D-mannopyranose-(1-3)-2-acetamido-2-deoxy-beta-D-glucopyranose-(1-4)-beta-D-mannopyranose-(1-3)-2-acetamido-2-deoxy-beta-D-glucopyranose-(1-4)-beta-D-mannopyranose-(1-4)-beta-D-mannopyranose
7 non-polymer 'CADMIUM ION'
8 non-polymer beta-D-galactopyranose
9 non-polymer 2-acetamido-2-deoxy-beta-D-glucopyranose
10 water water
#
_entity_poly.entity_id   1
_entity_poly.type   'polypeptide(L)'
_entity_poly.pdbx_seq_one_letter_code
;MKLLSVAAVALLAAQAAGASIKHRLNGFTILEHPDPAKRDLLQDIVTWDDKSLFINGERIMLFSGEVHPFRLPVPSLWLD
IFHKIRALGFNCVSFYIDWALLEGKPGDYRAEGIFALEPFFDAAKEAGIYLIARPGSYINAEVSGGGFPGWLQRVNGTLR
SSDEPFLKATDNYIANAAAAVAKAQITNGGPVILYQPENEYSGGCCGVKYPDADYMQYVMDQARKADIVVPFISNDASPS
GHNAPGSGTGAVDIYGHDSYPLGFDCANPSVWPEGKLPDNFRTLHLEQSPSTPYSLLEFQAGAFDPWGGPGFEKCYALVN
HEFSRVFYRNDLSFGVSTFNLYMTFGGTNWGNLGHPGGYTSYDYGSPITETRNVTREKYSDIKLLANFVKASPSYLTATP
RNLTTGVYTDTSDLAVTPLIGDSPGSFFVVRHTDYSSQESTSYKLKLPTSAGNLTIPQLEGTLSLNGRDSKIHVVDYNVS
GTNIIYSTAEVFTWKKFDGNKVLVLYGGPKEHHELAIASKSNVTIIEGSDSGIVSTRKGSSVIIGWDVSSTRRIVQVGDL
RVFLLDRN(SEP)AYNYWVPELPTEGTSPGFSTSKTTASSIIVKAGYLLRGAHLDGADLHLTADFNATTPIEVIGAPTGA
KNLFVNGEKASHTVDKNGIWSSEVKYAAPEIKLPGLKDLDWKYLDTLPEIKSSYDDSAWVSADLPKTKNTHRPLDTPTSL
YSSDYGFHTGYLIYRGHFVANGKESEFFIRTQGGSAFGSSVWLNETYLGSWTGADYAMDGNSTYKLSQLESGKNYVITVV
IDNLGLDENWTVGEETMKNPRGILSYKLSGQDASAITWKLTGNLGGEDYQDKVRGPLNEGGLYAERQGFHQPQPPSESWE
SGSPLEGLSKPGIGFYTAQFDLDLPKGWDVPLYFNFGNNTQAARAQLYVNGYQYGKFTGNVGPQTSFPVPEGILNYRGTN
YVALSLWALESDGAKLGSFELSYTTPVLTGYGNVESPEQPKYEQRKGAY
;
_entity_poly.pdbx_strand_id   A
#
# COMPACT_ATOMS: atom_id res chain seq x y z
N ASP A 40 -3.90 -32.30 -2.87
CA ASP A 40 -3.01 -31.38 -2.15
C ASP A 40 -3.70 -30.57 -1.05
N LEU A 41 -4.89 -30.99 -0.64
CA LEU A 41 -5.50 -30.50 0.58
C LEU A 41 -4.74 -31.16 1.74
N LEU A 42 -4.42 -30.38 2.78
CA LEU A 42 -3.56 -30.85 3.87
C LEU A 42 -4.09 -30.47 5.24
N GLN A 43 -5.30 -29.93 5.29
CA GLN A 43 -5.95 -29.57 6.55
C GLN A 43 -7.43 -29.45 6.25
N ASP A 44 -8.25 -29.38 7.30
CA ASP A 44 -9.70 -29.48 7.15
C ASP A 44 -10.42 -28.18 7.56
N ILE A 45 -9.68 -27.09 7.65
CA ILE A 45 -10.27 -25.81 8.06
C ILE A 45 -10.60 -24.91 6.86
N VAL A 46 -9.62 -24.73 5.98
CA VAL A 46 -9.78 -23.97 4.76
C VAL A 46 -9.87 -24.93 3.57
N THR A 47 -11.05 -25.02 2.96
CA THR A 47 -11.28 -25.90 1.83
C THR A 47 -11.92 -25.07 0.73
N TRP A 48 -12.32 -25.68 -0.38
CA TRP A 48 -12.89 -24.92 -1.47
C TRP A 48 -13.68 -25.78 -2.46
N ASP A 49 -14.57 -25.15 -3.21
CA ASP A 49 -15.08 -25.74 -4.45
C ASP A 49 -14.90 -24.75 -5.61
N ASP A 50 -15.60 -25.00 -6.71
CA ASP A 50 -15.48 -24.15 -7.88
C ASP A 50 -16.11 -22.76 -7.66
N LYS A 51 -16.84 -22.58 -6.56
CA LYS A 51 -17.49 -21.30 -6.30
C LYS A 51 -16.77 -20.38 -5.31
N SER A 52 -16.20 -20.94 -4.24
CA SER A 52 -15.53 -20.14 -3.20
C SER A 52 -14.71 -20.96 -2.22
N LEU A 53 -13.95 -20.27 -1.37
CA LEU A 53 -13.35 -20.91 -0.20
C LEU A 53 -14.42 -21.25 0.84
N PHE A 54 -14.11 -22.20 1.71
CA PHE A 54 -14.88 -22.43 2.93
C PHE A 54 -13.93 -22.30 4.10
N ILE A 55 -14.39 -21.72 5.20
CA ILE A 55 -13.65 -21.74 6.44
C ILE A 55 -14.58 -22.39 7.46
N ASN A 56 -14.15 -23.52 8.02
CA ASN A 56 -15.01 -24.37 8.86
C ASN A 56 -16.35 -24.71 8.23
N GLY A 57 -16.32 -25.17 6.97
CA GLY A 57 -17.51 -25.65 6.29
C GLY A 57 -18.48 -24.56 5.87
N GLU A 58 -18.09 -23.31 6.02
CA GLU A 58 -18.99 -22.21 5.69
C GLU A 58 -18.36 -21.32 4.62
N ARG A 59 -19.09 -21.07 3.54
CA ARG A 59 -18.58 -20.23 2.46
C ARG A 59 -18.16 -18.84 2.93
N ILE A 60 -17.12 -18.31 2.34
CA ILE A 60 -16.72 -16.95 2.64
C ILE A 60 -16.27 -16.23 1.37
N MET A 61 -16.62 -14.96 1.26
CA MET A 61 -16.04 -14.13 0.21
C MET A 61 -14.95 -13.29 0.86
N LEU A 62 -13.70 -13.56 0.46
CA LEU A 62 -12.56 -12.78 0.95
C LEU A 62 -12.41 -11.47 0.19
N PHE A 63 -12.82 -10.39 0.82
CA PHE A 63 -12.63 -9.05 0.30
C PHE A 63 -11.44 -8.49 1.05
N SER A 64 -10.32 -8.28 0.36
CA SER A 64 -9.03 -8.19 1.03
C SER A 64 -8.21 -6.97 0.61
N GLY A 65 -7.35 -6.52 1.51
CA GLY A 65 -6.48 -5.42 1.21
C GLY A 65 -5.00 -5.65 1.42
N GLU A 66 -4.17 -5.13 0.53
CA GLU A 66 -2.72 -5.27 0.63
C GLU A 66 -2.12 -4.27 1.59
N VAL A 67 -1.33 -4.74 2.55
CA VAL A 67 -0.62 -3.88 3.50
C VAL A 67 0.80 -4.38 3.68
N HIS A 68 1.79 -3.51 3.64
CA HIS A 68 3.17 -3.94 3.86
C HIS A 68 3.73 -3.41 5.17
N PRO A 69 3.84 -4.30 6.18
CA PRO A 69 4.24 -3.83 7.52
C PRO A 69 5.60 -3.14 7.49
N PHE A 70 6.52 -3.61 6.66
CA PHE A 70 7.86 -3.01 6.62
C PHE A 70 7.86 -1.57 6.08
N ARG A 71 6.73 -1.14 5.52
CA ARG A 71 6.58 0.22 5.01
C ARG A 71 5.90 1.11 6.02
N LEU A 72 5.74 0.61 7.24
CA LEU A 72 5.28 1.42 8.36
C LEU A 72 5.99 0.95 9.61
N PRO A 73 7.21 1.45 9.84
CA PRO A 73 8.05 0.97 10.94
C PRO A 73 7.60 1.46 12.32
N VAL A 74 6.30 1.42 12.58
CA VAL A 74 5.76 1.70 13.90
C VAL A 74 4.76 0.60 14.30
N PRO A 75 5.24 -0.51 14.89
CA PRO A 75 4.36 -1.63 15.24
C PRO A 75 3.05 -1.26 15.95
N SER A 76 3.08 -0.22 16.78
CA SER A 76 1.87 0.14 17.51
C SER A 76 0.84 0.86 16.64
N LEU A 77 1.16 1.08 15.37
CA LEU A 77 0.19 1.69 14.46
C LEU A 77 -0.43 0.66 13.53
N TRP A 78 0.04 -0.58 13.56
CA TRP A 78 -0.49 -1.61 12.66
C TRP A 78 -1.97 -1.90 12.92
N LEU A 79 -2.36 -1.93 14.19
CA LEU A 79 -3.76 -2.13 14.53
C LEU A 79 -4.66 -1.05 13.90
N ASP A 80 -4.16 0.19 13.87
CA ASP A 80 -4.87 1.29 13.23
C ASP A 80 -5.28 0.92 11.82
N ILE A 81 -4.32 0.38 11.05
CA ILE A 81 -4.56 0.03 9.65
C ILE A 81 -5.64 -1.05 9.53
N PHE A 82 -5.56 -2.05 10.41
CA PHE A 82 -6.53 -3.11 10.42
C PHE A 82 -7.94 -2.65 10.77
N HIS A 83 -8.06 -1.76 11.76
CA HIS A 83 -9.37 -1.17 12.09
C HIS A 83 -10.02 -0.53 10.84
N LYS A 84 -9.21 0.23 10.10
CA LYS A 84 -9.70 1.01 8.98
C LYS A 84 -10.08 0.11 7.79
N ILE A 85 -9.38 -1.01 7.67
CA ILE A 85 -9.71 -1.99 6.65
C ILE A 85 -10.94 -2.84 7.04
N ARG A 86 -11.04 -3.24 8.31
CA ARG A 86 -12.23 -3.93 8.76
C ARG A 86 -13.49 -3.05 8.64
N ALA A 87 -13.32 -1.75 8.91
CA ALA A 87 -14.41 -0.78 8.78
C ALA A 87 -14.88 -0.56 7.33
N LEU A 88 -14.00 -0.82 6.37
CA LEU A 88 -14.39 -0.84 4.96
C LEU A 88 -15.36 -1.97 4.68
N GLY A 89 -15.36 -2.98 5.54
CA GLY A 89 -16.17 -4.16 5.33
C GLY A 89 -15.34 -5.33 4.86
N PHE A 90 -14.02 -5.15 4.79
CA PHE A 90 -13.11 -6.25 4.43
C PHE A 90 -13.00 -7.29 5.57
N ASN A 91 -12.58 -8.50 5.22
CA ASN A 91 -12.33 -9.52 6.23
C ASN A 91 -10.97 -10.18 6.06
N CYS A 92 -10.06 -9.51 5.34
CA CYS A 92 -8.81 -10.14 4.93
C CYS A 92 -7.75 -9.14 4.52
N VAL A 93 -6.49 -9.48 4.79
CA VAL A 93 -5.38 -8.65 4.39
C VAL A 93 -4.30 -9.51 3.75
N SER A 94 -3.62 -8.93 2.76
CA SER A 94 -2.57 -9.61 2.04
C SER A 94 -1.25 -8.83 2.21
N PHE A 95 -0.16 -9.52 2.49
CA PHE A 95 1.10 -8.84 2.85
C PHE A 95 2.35 -9.56 2.35
N TYR A 96 3.39 -8.78 2.05
CA TYR A 96 4.68 -9.32 1.66
C TYR A 96 5.61 -9.32 2.86
N ILE A 97 6.64 -10.17 2.81
CA ILE A 97 7.75 -10.07 3.72
C ILE A 97 8.98 -9.76 2.85
N ASP A 98 9.77 -8.78 3.26
CA ASP A 98 10.90 -8.34 2.45
C ASP A 98 12.20 -8.96 2.94
N TRP A 99 12.68 -9.93 2.17
CA TRP A 99 13.89 -10.66 2.49
C TRP A 99 15.07 -9.69 2.71
N ALA A 100 15.20 -8.68 1.85
CA ALA A 100 16.34 -7.76 1.92
C ALA A 100 16.52 -7.04 3.27
N LEU A 101 15.44 -6.86 4.02
CA LEU A 101 15.50 -6.18 5.31
C LEU A 101 15.71 -7.15 6.48
N LEU A 102 15.51 -8.44 6.23
CA LEU A 102 15.55 -9.45 7.29
C LEU A 102 16.85 -10.26 7.36
N GLU A 103 17.60 -10.26 6.26
CA GLU A 103 18.85 -11.01 6.22
C GLU A 103 19.89 -10.23 5.45
N GLY A 104 20.04 -8.95 5.83
CA GLY A 104 21.03 -8.08 5.25
C GLY A 104 22.43 -8.67 5.33
N LYS A 105 22.72 -9.36 6.42
CA LYS A 105 23.95 -10.11 6.55
C LYS A 105 23.66 -11.57 6.29
N PRO A 106 24.32 -12.15 5.26
CA PRO A 106 24.12 -13.56 4.88
C PRO A 106 24.27 -14.51 6.09
N GLY A 107 23.27 -15.35 6.33
CA GLY A 107 23.36 -16.28 7.43
C GLY A 107 22.85 -15.77 8.76
N ASP A 108 22.47 -14.49 8.82
CA ASP A 108 22.02 -13.90 10.09
C ASP A 108 20.60 -13.33 9.96
N TYR A 109 19.61 -14.19 9.98
CA TYR A 109 18.21 -13.78 9.91
C TYR A 109 17.78 -13.01 11.16
N ARG A 110 17.15 -11.86 10.95
CA ARG A 110 16.84 -10.93 12.01
C ARG A 110 15.51 -10.22 11.70
N ALA A 111 14.48 -10.54 12.48
CA ALA A 111 13.17 -9.96 12.27
C ALA A 111 12.54 -9.57 13.62
N GLU A 112 13.02 -8.47 14.18
CA GLU A 112 12.55 -8.01 15.47
C GLU A 112 12.23 -6.54 15.44
N GLY A 113 11.79 -6.01 16.60
CA GLY A 113 11.42 -4.62 16.71
C GLY A 113 10.47 -4.20 15.61
N ILE A 114 10.88 -3.22 14.84
CA ILE A 114 10.05 -2.73 13.73
C ILE A 114 9.86 -3.79 12.62
N PHE A 115 10.66 -4.85 12.63
CA PHE A 115 10.55 -5.89 11.63
C PHE A 115 9.98 -7.19 12.21
N ALA A 116 9.53 -7.18 13.45
CA ALA A 116 8.95 -8.39 14.04
C ALA A 116 7.61 -8.72 13.38
N LEU A 117 7.45 -9.97 12.95
CA LEU A 117 6.21 -10.38 12.30
C LEU A 117 5.08 -10.64 13.30
N GLU A 118 5.44 -10.96 14.53
CA GLU A 118 4.43 -11.37 15.50
C GLU A 118 3.39 -10.30 15.86
N PRO A 119 3.82 -9.04 16.08
CA PRO A 119 2.79 -8.06 16.44
C PRO A 119 1.78 -7.83 15.31
N PHE A 120 2.23 -8.08 14.08
CA PHE A 120 1.38 -7.95 12.91
C PHE A 120 0.26 -9.00 12.94
N PHE A 121 0.65 -10.26 13.11
CA PHE A 121 -0.30 -11.37 13.26
C PHE A 121 -1.23 -11.13 14.45
N ASP A 122 -0.70 -10.60 15.53
CA ASP A 122 -1.53 -10.30 16.70
C ASP A 122 -2.58 -9.25 16.41
N ALA A 123 -2.17 -8.17 15.76
CA ALA A 123 -3.08 -7.09 15.37
C ALA A 123 -4.20 -7.62 14.47
N ALA A 124 -3.83 -8.45 13.49
CA ALA A 124 -4.81 -9.02 12.57
C ALA A 124 -5.84 -9.81 13.36
N LYS A 125 -5.35 -10.59 14.31
CA LYS A 125 -6.20 -11.40 15.19
C LYS A 125 -7.09 -10.51 16.04
N GLU A 126 -6.52 -9.46 16.61
CA GLU A 126 -7.29 -8.53 17.42
C GLU A 126 -8.41 -7.83 16.64
N ALA A 127 -8.15 -7.53 15.36
CA ALA A 127 -9.14 -6.84 14.54
C ALA A 127 -10.10 -7.79 13.83
N GLY A 128 -9.84 -9.09 13.94
CA GLY A 128 -10.65 -10.08 13.27
C GLY A 128 -10.45 -10.09 11.78
N ILE A 129 -9.19 -10.03 11.35
CA ILE A 129 -8.82 -10.00 9.94
C ILE A 129 -8.01 -11.25 9.57
N TYR A 130 -8.45 -11.98 8.53
CA TYR A 130 -7.68 -13.10 8.01
C TYR A 130 -6.47 -12.61 7.20
N LEU A 131 -5.43 -13.43 7.11
CA LEU A 131 -4.24 -13.03 6.38
C LEU A 131 -3.89 -13.97 5.24
N ILE A 132 -3.47 -13.40 4.12
CA ILE A 132 -2.82 -14.11 3.03
C ILE A 132 -1.34 -13.74 3.09
N ALA A 133 -0.47 -14.73 3.31
CA ALA A 133 0.95 -14.47 3.45
C ALA A 133 1.70 -14.68 2.13
N ARG A 134 2.44 -13.65 1.70
CA ARG A 134 3.17 -13.69 0.45
C ARG A 134 4.65 -13.39 0.71
N PRO A 135 5.42 -14.41 1.13
CA PRO A 135 6.80 -14.21 1.61
C PRO A 135 7.90 -14.27 0.56
N GLY A 136 7.59 -14.57 -0.70
CA GLY A 136 8.63 -14.59 -1.71
C GLY A 136 9.18 -15.98 -2.04
N SER A 137 10.51 -16.10 -2.18
CA SER A 137 11.47 -15.11 -1.70
C SER A 137 11.60 -13.85 -2.57
N TYR A 138 11.10 -13.92 -3.80
CA TYR A 138 11.03 -12.75 -4.66
C TYR A 138 9.65 -12.14 -4.51
N ILE A 139 9.56 -10.84 -4.30
CA ILE A 139 8.23 -10.24 -4.07
C ILE A 139 7.87 -9.09 -4.99
N ASN A 140 8.82 -8.65 -5.82
CA ASN A 140 8.68 -7.46 -6.65
C ASN A 140 8.43 -6.24 -5.76
N ALA A 141 7.16 -5.84 -5.64
CA ALA A 141 6.72 -4.92 -4.60
C ALA A 141 7.28 -3.50 -4.73
N GLU A 142 7.99 -3.24 -5.82
CA GLU A 142 8.69 -1.99 -5.99
C GLU A 142 9.65 -1.69 -4.84
N VAL A 143 10.27 -2.73 -4.29
CA VAL A 143 11.26 -2.53 -3.24
C VAL A 143 12.63 -2.90 -3.78
N SER A 144 13.68 -2.40 -3.14
CA SER A 144 15.04 -2.70 -3.58
C SER A 144 15.23 -4.20 -3.80
N GLY A 145 15.74 -4.52 -4.98
CA GLY A 145 16.08 -5.90 -5.30
C GLY A 145 14.87 -6.79 -5.52
N GLY A 146 13.68 -6.20 -5.57
CA GLY A 146 12.45 -6.97 -5.62
C GLY A 146 12.35 -7.91 -4.43
N GLY A 147 13.02 -7.55 -3.33
CA GLY A 147 13.11 -8.43 -2.18
C GLY A 147 14.50 -9.04 -1.95
N PHE A 148 15.28 -9.19 -3.02
CA PHE A 148 16.59 -9.82 -2.91
C PHE A 148 17.62 -8.94 -2.23
N PRO A 149 18.30 -9.46 -1.20
CA PRO A 149 19.45 -8.81 -0.58
C PRO A 149 20.54 -8.60 -1.62
N GLY A 150 21.37 -7.57 -1.44
CA GLY A 150 22.41 -7.20 -2.37
C GLY A 150 23.45 -8.29 -2.56
N TRP A 151 23.67 -9.10 -1.54
CA TRP A 151 24.63 -10.18 -1.65
C TRP A 151 24.25 -11.27 -2.68
N LEU A 152 22.99 -11.28 -3.13
CA LEU A 152 22.60 -12.13 -4.25
C LEU A 152 23.41 -11.80 -5.51
N GLN A 153 24.03 -10.62 -5.57
CA GLN A 153 24.87 -10.29 -6.72
C GLN A 153 26.19 -11.08 -6.74
N ARG A 154 26.44 -11.87 -5.68
CA ARG A 154 27.66 -12.68 -5.58
C ARG A 154 27.41 -14.16 -5.79
N VAL A 155 26.13 -14.52 -5.93
CA VAL A 155 25.70 -15.91 -6.03
C VAL A 155 25.82 -16.46 -7.45
N ASN A 156 26.56 -17.56 -7.61
CA ASN A 156 26.86 -18.09 -8.94
C ASN A 156 25.76 -18.98 -9.48
N GLY A 157 24.58 -18.39 -9.71
CA GLY A 157 23.47 -19.10 -10.28
C GLY A 157 22.41 -18.13 -10.76
N THR A 158 21.53 -18.56 -11.66
CA THR A 158 20.48 -17.69 -12.16
C THR A 158 19.40 -17.48 -11.11
N LEU A 159 18.97 -16.24 -10.94
CA LEU A 159 17.96 -15.91 -9.94
C LEU A 159 16.60 -16.44 -10.38
N ARG A 160 15.78 -16.81 -9.41
CA ARG A 160 14.47 -17.41 -9.66
C ARG A 160 14.54 -18.62 -10.61
N SER A 161 15.50 -19.51 -10.36
CA SER A 161 15.70 -20.69 -11.19
C SER A 161 16.06 -21.86 -10.29
N SER A 162 16.06 -23.07 -10.83
CA SER A 162 16.41 -24.23 -10.03
C SER A 162 17.92 -24.43 -9.93
N ASP A 163 18.67 -23.39 -10.25
CA ASP A 163 20.10 -23.42 -9.99
C ASP A 163 20.38 -23.61 -8.50
N GLU A 164 21.10 -24.68 -8.20
CA GLU A 164 21.43 -25.05 -6.82
C GLU A 164 21.98 -23.92 -5.95
N PRO A 165 22.94 -23.12 -6.46
CA PRO A 165 23.39 -22.01 -5.61
C PRO A 165 22.29 -20.98 -5.24
N PHE A 166 21.37 -20.70 -6.16
CA PHE A 166 20.28 -19.78 -5.82
C PHE A 166 19.28 -20.42 -4.84
N LEU A 167 18.90 -21.67 -5.06
CA LEU A 167 18.05 -22.35 -4.10
C LEU A 167 18.65 -22.33 -2.68
N LYS A 168 19.92 -22.67 -2.55
CA LYS A 168 20.59 -22.66 -1.25
C LYS A 168 20.55 -21.29 -0.59
N ALA A 169 20.74 -20.24 -1.39
CA ALA A 169 20.76 -18.87 -0.89
C ALA A 169 19.46 -18.47 -0.22
N THR A 170 18.36 -19.06 -0.68
CA THR A 170 17.05 -18.70 -0.13
C THR A 170 16.67 -19.56 1.06
N ASP A 171 17.50 -20.54 1.41
CA ASP A 171 17.09 -21.56 2.38
C ASP A 171 16.87 -21.03 3.80
N ASN A 172 17.84 -20.26 4.29
CA ASN A 172 17.78 -19.75 5.65
C ASN A 172 16.64 -18.76 5.81
N TYR A 173 16.50 -17.85 4.84
CA TYR A 173 15.39 -16.90 4.86
C TYR A 173 14.01 -17.58 4.92
N ILE A 174 13.74 -18.53 4.02
CA ILE A 174 12.44 -19.19 4.01
C ILE A 174 12.20 -20.06 5.26
N ALA A 175 13.24 -20.72 5.75
CA ALA A 175 13.11 -21.55 6.95
C ALA A 175 12.69 -20.72 8.17
N ASN A 176 13.15 -19.46 8.22
CA ASN A 176 12.81 -18.56 9.32
C ASN A 176 11.46 -17.80 9.15
N ALA A 177 11.31 -17.14 8.01
CA ALA A 177 10.10 -16.39 7.72
C ALA A 177 8.87 -17.29 7.68
N ALA A 178 8.97 -18.42 6.99
CA ALA A 178 7.83 -19.31 6.83
C ALA A 178 7.48 -20.01 8.16
N ALA A 179 8.48 -20.19 9.01
CA ALA A 179 8.24 -20.73 10.36
C ALA A 179 7.37 -19.77 11.16
N ALA A 180 7.65 -18.47 11.03
CA ALA A 180 6.89 -17.46 11.72
C ALA A 180 5.46 -17.45 11.21
N VAL A 181 5.32 -17.54 9.89
CA VAL A 181 4.01 -17.66 9.25
C VAL A 181 3.28 -18.94 9.70
N ALA A 182 4.02 -20.02 9.91
CA ALA A 182 3.37 -21.27 10.31
C ALA A 182 2.69 -21.21 11.69
N LYS A 183 3.37 -20.62 12.68
CA LYS A 183 2.78 -20.49 14.02
C LYS A 183 1.46 -19.74 13.94
N ALA A 184 1.34 -18.85 12.97
CA ALA A 184 0.15 -18.00 12.88
C ALA A 184 -0.92 -18.52 11.91
N GLN A 185 -0.74 -19.73 11.39
CA GLN A 185 -1.79 -20.35 10.58
C GLN A 185 -3.09 -20.54 11.35
N ILE A 186 -4.20 -20.58 10.62
CA ILE A 186 -5.51 -20.73 11.24
C ILE A 186 -5.70 -22.12 11.92
N THR A 187 -4.89 -23.09 11.49
CA THR A 187 -4.88 -24.41 12.10
C THR A 187 -4.27 -24.41 13.51
N ASN A 188 -3.68 -23.29 13.93
CA ASN A 188 -3.26 -23.10 15.31
C ASN A 188 -4.06 -21.98 15.95
N GLY A 189 -5.15 -21.57 15.31
CA GLY A 189 -5.93 -20.44 15.79
C GLY A 189 -5.38 -19.06 15.48
N GLY A 190 -4.47 -18.96 14.52
CA GLY A 190 -4.02 -17.67 14.02
C GLY A 190 -4.82 -17.21 12.81
N PRO A 191 -4.41 -16.08 12.21
CA PRO A 191 -5.20 -15.47 11.13
C PRO A 191 -4.80 -15.93 9.73
N VAL A 192 -3.63 -16.54 9.57
CA VAL A 192 -3.18 -16.93 8.24
C VAL A 192 -3.98 -18.09 7.61
N ILE A 193 -4.71 -17.79 6.53
CA ILE A 193 -5.54 -18.79 5.86
C ILE A 193 -4.98 -19.24 4.50
N LEU A 194 -4.11 -18.43 3.90
CA LEU A 194 -3.56 -18.81 2.59
C LEU A 194 -2.09 -18.40 2.49
N TYR A 195 -1.40 -18.97 1.51
CA TYR A 195 0.03 -18.75 1.33
C TYR A 195 0.37 -18.63 -0.17
N GLN A 196 0.97 -17.51 -0.56
CA GLN A 196 1.42 -17.32 -1.94
C GLN A 196 2.91 -17.58 -2.10
N PRO A 197 3.26 -18.60 -2.90
CA PRO A 197 4.67 -18.91 -3.16
C PRO A 197 5.17 -18.09 -4.33
N GLU A 198 6.31 -17.43 -4.18
CA GLU A 198 6.87 -16.64 -5.26
C GLU A 198 5.93 -15.49 -5.64
N ASN A 199 6.11 -14.94 -6.83
CA ASN A 199 5.36 -13.77 -7.22
C ASN A 199 5.38 -13.57 -8.71
N GLU A 200 4.22 -13.68 -9.33
CA GLU A 200 4.10 -13.53 -10.79
C GLU A 200 5.16 -14.32 -11.55
N TYR A 201 5.30 -15.59 -11.20
CA TYR A 201 6.32 -16.41 -11.85
C TYR A 201 5.97 -16.74 -13.32
N SER A 202 6.95 -16.50 -14.19
CA SER A 202 6.87 -16.81 -15.64
C SER A 202 5.56 -16.42 -16.33
N ASP A 212 12.34 -22.67 -14.65
CA ASP A 212 11.96 -24.07 -14.62
C ASP A 212 10.71 -24.26 -13.74
N ALA A 213 9.89 -25.26 -14.08
CA ALA A 213 8.75 -25.58 -13.23
C ALA A 213 9.29 -26.14 -11.93
N ASP A 214 10.48 -26.73 -12.01
CA ASP A 214 11.18 -27.23 -10.83
C ASP A 214 11.35 -26.18 -9.75
N TYR A 215 11.64 -24.95 -10.16
CA TYR A 215 11.84 -23.88 -9.20
C TYR A 215 10.58 -23.65 -8.36
N MET A 216 9.44 -23.43 -9.01
CA MET A 216 8.18 -23.26 -8.28
C MET A 216 7.92 -24.40 -7.30
N GLN A 217 8.14 -25.64 -7.74
CA GLN A 217 7.89 -26.80 -6.89
C GLN A 217 8.74 -26.78 -5.62
N TYR A 218 10.02 -26.49 -5.80
CA TYR A 218 10.95 -26.35 -4.71
C TYR A 218 10.44 -25.33 -3.69
N VAL A 219 10.00 -24.16 -4.15
CA VAL A 219 9.59 -23.13 -3.20
C VAL A 219 8.37 -23.58 -2.41
N MET A 220 7.51 -24.37 -3.05
CA MET A 220 6.37 -24.95 -2.34
C MET A 220 6.82 -26.03 -1.33
N ASP A 221 7.73 -26.91 -1.73
CA ASP A 221 8.17 -27.95 -0.81
C ASP A 221 8.91 -27.31 0.37
N GLN A 222 9.65 -26.26 0.06
CA GLN A 222 10.42 -25.51 1.03
C GLN A 222 9.51 -24.88 2.11
N ALA A 223 8.37 -24.36 1.69
CA ALA A 223 7.37 -23.85 2.62
C ALA A 223 6.71 -24.99 3.37
N ARG A 224 6.35 -26.06 2.67
CA ARG A 224 5.77 -27.22 3.36
C ARG A 224 6.70 -27.79 4.42
N LYS A 225 8.00 -27.78 4.17
CA LYS A 225 8.98 -28.26 5.15
C LYS A 225 8.99 -27.39 6.40
N ALA A 226 8.53 -26.16 6.28
CA ALA A 226 8.50 -25.25 7.42
C ALA A 226 7.13 -25.25 8.11
N ASP A 227 6.30 -26.25 7.80
CA ASP A 227 4.98 -26.47 8.41
C ASP A 227 3.84 -25.62 7.89
N ILE A 228 4.04 -24.94 6.77
CA ILE A 228 2.92 -24.36 6.09
C ILE A 228 1.97 -25.49 5.67
N VAL A 229 0.75 -25.47 6.15
CA VAL A 229 -0.22 -26.48 5.74
C VAL A 229 -1.41 -25.92 4.97
N VAL A 230 -1.59 -24.60 5.01
CA VAL A 230 -2.75 -23.99 4.35
C VAL A 230 -2.65 -24.09 2.83
N PRO A 231 -3.74 -23.81 2.10
CA PRO A 231 -3.56 -23.96 0.64
C PRO A 231 -2.63 -22.92 0.00
N PHE A 232 -2.00 -23.30 -1.11
CA PHE A 232 -1.13 -22.41 -1.89
C PHE A 232 -1.95 -21.66 -2.94
N ILE A 233 -1.75 -20.35 -3.04
CA ILE A 233 -2.44 -19.53 -4.04
C ILE A 233 -1.44 -18.76 -4.92
N SER A 234 -1.74 -18.63 -6.21
CA SER A 234 -0.80 -17.99 -7.13
C SER A 234 -1.25 -16.59 -7.55
N ASN A 235 -0.35 -15.84 -8.17
CA ASN A 235 -0.67 -14.52 -8.68
C ASN A 235 -0.10 -14.25 -10.06
N ASP A 236 -0.62 -14.98 -11.06
CA ASP A 236 -0.16 -14.84 -12.46
C ASP A 236 -0.25 -13.38 -12.87
N ALA A 237 0.81 -12.84 -13.46
CA ALA A 237 0.81 -11.42 -13.86
C ALA A 237 -0.31 -11.07 -14.85
N SER A 238 -0.72 -12.04 -15.66
CA SER A 238 -1.88 -11.88 -16.52
C SER A 238 -2.65 -13.18 -16.44
N PRO A 239 -3.94 -13.17 -16.84
CA PRO A 239 -4.66 -14.45 -16.79
C PRO A 239 -4.25 -15.41 -17.92
N SER A 240 -3.19 -16.18 -17.69
CA SER A 240 -2.67 -17.09 -18.72
C SER A 240 -2.60 -18.54 -18.22
N GLY A 241 -3.11 -18.79 -17.02
CA GLY A 241 -3.05 -20.13 -16.43
C GLY A 241 -1.67 -20.65 -16.00
N HIS A 242 -0.67 -19.78 -15.91
CA HIS A 242 0.63 -20.19 -15.39
C HIS A 242 0.46 -20.79 -13.99
N ASN A 243 0.99 -21.99 -13.80
CA ASN A 243 1.03 -22.67 -12.51
C ASN A 243 -0.32 -23.01 -11.91
N ALA A 244 -1.37 -22.98 -12.73
CA ALA A 244 -2.70 -23.37 -12.29
C ALA A 244 -2.74 -24.86 -11.96
N PRO A 245 -3.72 -25.28 -11.15
CA PRO A 245 -3.90 -26.72 -10.96
C PRO A 245 -3.92 -27.45 -12.29
N GLY A 246 -3.16 -28.55 -12.39
CA GLY A 246 -3.10 -29.30 -13.64
C GLY A 246 -1.92 -28.97 -14.56
N SER A 247 -1.18 -27.91 -14.24
CA SER A 247 -0.07 -27.47 -15.10
C SER A 247 1.22 -28.26 -14.89
N GLY A 248 1.16 -29.35 -14.15
CA GLY A 248 2.35 -30.15 -13.87
C GLY A 248 3.12 -29.69 -12.66
N THR A 249 4.42 -29.98 -12.64
CA THR A 249 5.29 -29.55 -11.56
C THR A 249 5.15 -28.04 -11.35
N GLY A 250 4.95 -27.64 -10.11
CA GLY A 250 4.86 -26.23 -9.77
C GLY A 250 3.44 -25.70 -9.70
N ALA A 251 2.45 -26.58 -9.85
CA ALA A 251 1.05 -26.17 -9.78
C ALA A 251 0.62 -25.78 -8.37
N VAL A 252 -0.06 -24.66 -8.24
CA VAL A 252 -0.55 -24.26 -6.92
C VAL A 252 -1.89 -24.98 -6.61
N ASP A 253 -2.46 -24.72 -5.43
CA ASP A 253 -3.76 -25.30 -5.09
C ASP A 253 -4.89 -24.46 -5.70
N ILE A 254 -4.76 -23.14 -5.61
CA ILE A 254 -5.78 -22.25 -6.14
C ILE A 254 -5.15 -21.26 -7.10
N TYR A 255 -5.63 -21.25 -8.34
CA TYR A 255 -5.11 -20.36 -9.34
C TYR A 255 -5.61 -18.93 -9.11
N GLY A 256 -4.68 -17.98 -9.07
CA GLY A 256 -5.05 -16.58 -8.95
C GLY A 256 -4.32 -15.74 -9.96
N HIS A 257 -4.85 -14.57 -10.30
CA HIS A 257 -4.11 -13.68 -11.20
C HIS A 257 -4.25 -12.20 -10.86
N ASP A 258 -3.43 -11.38 -11.52
CA ASP A 258 -3.43 -9.95 -11.27
C ASP A 258 -4.09 -9.19 -12.42
N SER A 259 -4.37 -7.92 -12.17
CA SER A 259 -4.91 -7.05 -13.19
C SER A 259 -4.83 -5.58 -12.78
N TYR A 260 -4.22 -4.77 -13.63
CA TYR A 260 -4.23 -3.33 -13.46
C TYR A 260 -4.61 -2.69 -14.78
N PRO A 261 -5.90 -2.71 -15.10
CA PRO A 261 -6.36 -2.36 -16.45
C PRO A 261 -5.93 -0.96 -16.92
N LEU A 262 -5.76 0.00 -16.03
CA LEU A 262 -5.40 1.35 -16.46
C LEU A 262 -3.90 1.63 -16.44
N GLY A 263 -3.10 0.64 -16.04
CA GLY A 263 -1.66 0.78 -16.01
C GLY A 263 -1.23 1.79 -14.98
N PHE A 264 -0.01 2.31 -15.13
CA PHE A 264 0.51 3.22 -14.11
C PHE A 264 0.94 4.59 -14.61
N ASP A 265 0.62 4.97 -15.84
CA ASP A 265 0.88 6.36 -16.25
C ASP A 265 -0.26 7.26 -15.74
N CYS A 266 0.00 7.97 -14.65
CA CYS A 266 -1.00 8.84 -14.02
C CYS A 266 -1.10 10.26 -14.62
N ALA A 267 -0.45 10.50 -15.76
CA ALA A 267 -0.35 11.86 -16.32
C ALA A 267 -1.66 12.53 -16.70
N ASN A 268 -2.64 11.74 -17.12
CA ASN A 268 -3.92 12.29 -17.57
C ASN A 268 -5.13 11.67 -16.88
N PRO A 269 -5.29 11.95 -15.58
CA PRO A 269 -6.28 11.34 -14.69
C PRO A 269 -7.73 11.31 -15.22
N SER A 270 -8.11 12.26 -16.07
CA SER A 270 -9.49 12.30 -16.51
C SER A 270 -9.77 11.36 -17.68
N VAL A 271 -8.71 10.84 -18.30
CA VAL A 271 -8.88 10.03 -19.51
C VAL A 271 -8.84 8.51 -19.26
N TRP A 272 -9.91 7.83 -19.66
CA TRP A 272 -9.99 6.37 -19.60
C TRP A 272 -9.97 5.82 -21.03
N PRO A 273 -8.80 5.36 -21.51
CA PRO A 273 -8.70 4.93 -22.92
C PRO A 273 -9.68 3.82 -23.26
N GLU A 274 -10.28 3.86 -24.46
CA GLU A 274 -11.18 2.81 -24.92
C GLU A 274 -10.61 1.40 -24.76
N GLY A 275 -11.50 0.46 -24.43
CA GLY A 275 -11.21 -0.96 -24.46
C GLY A 275 -10.30 -1.51 -23.37
N LYS A 276 -10.11 -0.75 -22.30
CA LYS A 276 -9.16 -1.12 -21.27
C LYS A 276 -9.84 -1.94 -20.17
N LEU A 277 -11.15 -1.82 -20.01
CA LEU A 277 -11.88 -2.57 -19.01
C LEU A 277 -12.07 -4.02 -19.45
N PRO A 278 -11.58 -4.97 -18.65
CA PRO A 278 -11.66 -6.40 -19.00
C PRO A 278 -13.08 -6.94 -18.99
N ASP A 279 -13.44 -7.70 -20.02
CA ASP A 279 -14.76 -8.29 -20.09
C ASP A 279 -14.76 -9.79 -20.31
N ASN A 280 -13.58 -10.40 -20.28
CA ASN A 280 -13.49 -11.81 -20.65
C ASN A 280 -12.91 -12.68 -19.53
N PHE A 281 -12.75 -12.08 -18.35
CA PHE A 281 -12.11 -12.76 -17.23
C PHE A 281 -12.84 -14.01 -16.78
N ARG A 282 -14.16 -14.04 -16.90
CA ARG A 282 -14.89 -15.20 -16.44
C ARG A 282 -14.79 -16.34 -17.45
N THR A 283 -14.71 -16.00 -18.72
CA THR A 283 -14.45 -16.98 -19.77
C THR A 283 -13.05 -17.57 -19.61
N LEU A 284 -12.04 -16.71 -19.47
CA LEU A 284 -10.66 -17.16 -19.24
C LEU A 284 -10.56 -18.05 -18.02
N HIS A 285 -11.28 -17.71 -16.96
CA HIS A 285 -11.27 -18.53 -15.75
C HIS A 285 -11.77 -19.96 -16.00
N LEU A 286 -12.86 -20.08 -16.75
CA LEU A 286 -13.48 -21.37 -17.06
C LEU A 286 -12.58 -22.21 -17.98
N GLU A 287 -11.72 -21.54 -18.74
CA GLU A 287 -10.76 -22.25 -19.59
C GLU A 287 -9.50 -22.68 -18.83
N GLN A 288 -9.07 -21.87 -17.88
CA GLN A 288 -7.77 -22.06 -17.25
C GLN A 288 -7.82 -22.83 -15.94
N SER A 289 -8.86 -22.64 -15.15
CA SER A 289 -8.92 -23.32 -13.86
C SER A 289 -10.34 -23.42 -13.26
N PRO A 290 -11.25 -24.10 -13.96
CA PRO A 290 -12.64 -24.11 -13.48
C PRO A 290 -12.85 -24.87 -12.18
N SER A 291 -11.92 -25.73 -11.79
CA SER A 291 -12.09 -26.49 -10.54
C SER A 291 -11.89 -25.65 -9.27
N THR A 292 -11.21 -24.51 -9.39
CA THR A 292 -10.97 -23.63 -8.24
C THR A 292 -11.75 -22.31 -8.33
N PRO A 293 -11.97 -21.63 -7.20
CA PRO A 293 -12.77 -20.41 -7.23
C PRO A 293 -12.03 -19.22 -7.85
N TYR A 294 -12.75 -18.37 -8.57
CA TYR A 294 -12.10 -17.27 -9.26
C TYR A 294 -11.48 -16.27 -8.27
N SER A 295 -10.22 -15.91 -8.54
CA SER A 295 -9.40 -15.23 -7.56
C SER A 295 -8.51 -14.16 -8.16
N LEU A 296 -8.67 -12.95 -7.65
CA LEU A 296 -7.87 -11.82 -8.06
C LEU A 296 -6.99 -11.42 -6.90
N LEU A 297 -5.72 -11.81 -6.98
CA LEU A 297 -4.82 -11.64 -5.85
C LEU A 297 -4.21 -10.27 -5.77
N GLU A 298 -4.17 -9.57 -6.91
CA GLU A 298 -3.94 -8.14 -6.91
C GLU A 298 -4.82 -7.49 -7.94
N PHE A 299 -5.71 -6.63 -7.48
CA PHE A 299 -6.46 -5.79 -8.39
C PHE A 299 -6.14 -4.31 -8.12
N GLN A 300 -6.11 -3.51 -9.18
CA GLN A 300 -5.75 -2.10 -9.10
C GLN A 300 -6.53 -1.30 -8.04
N ALA A 301 -5.82 -0.73 -7.09
CA ALA A 301 -6.42 0.19 -6.12
C ALA A 301 -5.60 1.50 -6.04
N GLY A 302 -4.68 1.67 -7.00
CA GLY A 302 -3.90 2.88 -7.09
C GLY A 302 -2.87 2.67 -8.18
N ALA A 303 -1.72 3.32 -8.06
CA ALA A 303 -0.65 3.16 -9.01
C ALA A 303 0.67 3.54 -8.35
N PHE A 304 1.79 2.98 -8.81
CA PHE A 304 3.08 3.47 -8.33
C PHE A 304 3.51 4.63 -9.20
N ASP A 305 4.54 5.34 -8.78
CA ASP A 305 4.94 6.55 -9.46
C ASP A 305 6.46 6.61 -9.44
N PRO A 306 7.08 6.75 -10.62
CA PRO A 306 8.54 6.79 -10.69
C PRO A 306 9.09 8.17 -10.35
N TRP A 307 10.40 8.26 -10.13
CA TRP A 307 11.09 9.55 -10.09
C TRP A 307 10.71 10.33 -11.33
N GLY A 308 10.46 11.64 -11.19
CA GLY A 308 10.05 12.46 -12.30
C GLY A 308 8.62 12.23 -12.76
N GLY A 309 7.83 11.54 -11.95
CA GLY A 309 6.44 11.29 -12.26
C GLY A 309 5.46 12.37 -11.82
N PRO A 310 4.22 12.28 -12.29
CA PRO A 310 3.18 13.26 -11.99
C PRO A 310 2.76 13.36 -10.51
N GLY A 311 3.09 12.39 -9.67
CA GLY A 311 2.72 12.45 -8.27
C GLY A 311 1.49 11.62 -7.92
N PHE A 312 1.35 11.25 -6.65
CA PHE A 312 0.30 10.32 -6.27
C PHE A 312 -1.09 10.92 -6.26
N GLU A 313 -1.15 12.25 -6.31
CA GLU A 313 -2.42 12.96 -6.41
C GLU A 313 -3.09 12.67 -7.73
N LYS A 314 -2.31 12.71 -8.79
CA LYS A 314 -2.88 12.42 -10.10
C LYS A 314 -3.18 10.93 -10.16
N CYS A 315 -2.32 10.13 -9.55
CA CYS A 315 -2.58 8.70 -9.41
C CYS A 315 -3.94 8.44 -8.72
N TYR A 316 -4.22 9.15 -7.63
CA TYR A 316 -5.54 9.04 -7.04
C TYR A 316 -6.62 9.51 -8.00
N ALA A 317 -6.38 10.62 -8.69
CA ALA A 317 -7.42 11.21 -9.57
C ALA A 317 -7.77 10.29 -10.75
N LEU A 318 -6.83 9.44 -11.13
CA LEU A 318 -7.08 8.43 -12.14
C LEU A 318 -7.88 7.27 -11.52
N VAL A 319 -7.32 6.66 -10.47
CA VAL A 319 -7.95 5.54 -9.81
C VAL A 319 -8.80 6.05 -8.66
N ASN A 320 -9.85 6.78 -8.99
CA ASN A 320 -10.68 7.45 -7.98
C ASN A 320 -11.89 6.62 -7.59
N HIS A 321 -12.91 7.27 -7.04
CA HIS A 321 -14.11 6.60 -6.59
C HIS A 321 -14.95 6.08 -7.77
N GLU A 322 -14.74 6.64 -8.95
CA GLU A 322 -15.46 6.13 -10.12
C GLU A 322 -14.83 4.87 -10.63
N PHE A 323 -13.51 4.82 -10.60
CA PHE A 323 -12.77 3.64 -10.98
C PHE A 323 -13.23 2.49 -10.11
N SER A 324 -13.21 2.68 -8.80
CA SER A 324 -13.58 1.61 -7.88
C SER A 324 -15.00 1.12 -8.13
N ARG A 325 -15.96 2.03 -8.15
CA ARG A 325 -17.34 1.62 -8.33
C ARG A 325 -17.59 0.91 -9.66
N VAL A 326 -16.97 1.39 -10.74
CA VAL A 326 -17.15 0.74 -12.05
C VAL A 326 -16.34 -0.57 -12.13
N PHE A 327 -15.03 -0.50 -11.95
CA PHE A 327 -14.16 -1.67 -12.07
C PHE A 327 -14.38 -2.80 -11.03
N TYR A 328 -14.70 -2.45 -9.78
CA TYR A 328 -14.88 -3.50 -8.79
C TYR A 328 -16.20 -4.25 -8.96
N ARG A 329 -17.28 -3.53 -9.28
CA ARG A 329 -18.52 -4.20 -9.63
C ARG A 329 -18.30 -5.06 -10.87
N ASN A 330 -17.35 -4.65 -11.70
CA ASN A 330 -17.02 -5.45 -12.88
C ASN A 330 -16.39 -6.79 -12.47
N ASP A 331 -15.55 -6.75 -11.44
CA ASP A 331 -14.93 -7.97 -10.94
C ASP A 331 -15.95 -8.91 -10.25
N LEU A 332 -16.92 -8.34 -9.52
CA LEU A 332 -18.04 -9.15 -9.03
C LEU A 332 -18.84 -9.79 -10.18
N SER A 333 -18.91 -9.15 -11.34
CA SER A 333 -19.66 -9.72 -12.46
C SER A 333 -19.00 -11.01 -13.02
N PHE A 334 -17.79 -11.28 -12.54
CA PHE A 334 -17.05 -12.48 -12.92
C PHE A 334 -17.16 -13.51 -11.82
N GLY A 335 -17.83 -13.11 -10.74
CA GLY A 335 -18.04 -13.98 -9.59
C GLY A 335 -16.77 -14.23 -8.82
N VAL A 336 -15.85 -13.28 -8.83
CA VAL A 336 -14.64 -13.35 -8.01
C VAL A 336 -15.03 -13.64 -6.54
N SER A 337 -14.24 -14.47 -5.85
CA SER A 337 -14.54 -14.80 -4.46
C SER A 337 -13.37 -14.57 -3.51
N THR A 338 -12.20 -14.36 -4.09
CA THR A 338 -11.05 -13.85 -3.36
C THR A 338 -10.55 -12.63 -4.12
N PHE A 339 -10.55 -11.48 -3.49
CA PHE A 339 -10.45 -10.23 -4.21
C PHE A 339 -9.61 -9.25 -3.43
N ASN A 340 -8.33 -9.16 -3.78
CA ASN A 340 -7.38 -8.33 -3.03
C ASN A 340 -6.96 -7.06 -3.73
N LEU A 341 -7.14 -5.92 -3.05
CA LEU A 341 -6.80 -4.60 -3.62
C LEU A 341 -5.36 -4.18 -3.33
N TYR A 342 -4.56 -4.01 -4.36
CA TYR A 342 -3.18 -3.62 -4.18
C TYR A 342 -3.05 -2.18 -4.67
N MET A 343 -2.56 -1.26 -3.85
CA MET A 343 -2.43 -1.36 -2.39
C MET A 343 -3.71 -0.78 -1.79
N THR A 344 -4.09 -1.18 -0.58
CA THR A 344 -5.13 -0.42 0.09
C THR A 344 -4.56 0.51 1.15
N PHE A 345 -3.38 0.16 1.66
CA PHE A 345 -2.51 1.10 2.40
C PHE A 345 -1.08 1.02 1.87
N GLY A 346 -0.57 2.15 1.37
CA GLY A 346 0.72 2.16 0.71
C GLY A 346 1.89 2.28 1.66
N GLY A 347 1.96 3.38 2.39
CA GLY A 347 3.05 3.60 3.32
C GLY A 347 4.20 4.38 2.70
N THR A 348 5.41 4.09 3.16
CA THR A 348 6.58 4.90 2.81
C THR A 348 7.80 4.04 2.54
N ASN A 349 8.53 4.34 1.47
CA ASN A 349 9.81 3.68 1.22
C ASN A 349 10.91 4.38 1.99
N TRP A 350 10.76 4.37 3.32
CA TRP A 350 11.74 4.91 4.26
C TRP A 350 13.01 4.04 4.26
N GLY A 351 14.12 4.63 4.64
CA GLY A 351 15.36 3.88 4.80
C GLY A 351 15.86 3.13 3.58
N ASN A 352 15.72 3.72 2.39
CA ASN A 352 16.26 3.14 1.17
C ASN A 352 15.68 1.77 0.78
N LEU A 353 14.55 1.38 1.36
CA LEU A 353 14.00 0.06 1.06
C LEU A 353 13.42 -0.04 -0.38
N GLY A 354 13.12 1.10 -0.99
CA GLY A 354 12.52 1.11 -2.32
C GLY A 354 13.47 0.85 -3.47
N HIS A 355 12.92 0.59 -4.65
CA HIS A 355 13.74 0.31 -5.82
C HIS A 355 13.90 1.60 -6.64
N PRO A 356 14.88 1.64 -7.57
CA PRO A 356 15.15 2.91 -8.27
C PRO A 356 13.99 3.44 -9.08
N GLY A 357 13.00 2.61 -9.41
CA GLY A 357 11.91 3.06 -10.25
C GLY A 357 10.81 3.75 -9.46
N GLY A 358 11.15 4.19 -8.24
CA GLY A 358 10.20 4.83 -7.36
C GLY A 358 10.95 5.70 -6.36
N TYR A 359 10.24 6.63 -5.74
CA TYR A 359 10.88 7.55 -4.80
C TYR A 359 10.49 7.20 -3.37
N THR A 360 10.57 8.17 -2.47
CA THR A 360 10.35 7.85 -1.07
C THR A 360 8.92 7.45 -0.81
N SER A 361 7.99 8.27 -1.24
CA SER A 361 6.57 8.01 -1.00
C SER A 361 6.03 6.74 -1.68
N TYR A 362 5.22 5.98 -0.95
CA TYR A 362 4.42 4.90 -1.54
C TYR A 362 2.93 5.12 -1.27
N ASP A 363 2.48 6.36 -1.32
CA ASP A 363 1.07 6.65 -1.10
C ASP A 363 0.18 5.85 -2.04
N TYR A 364 0.65 5.68 -3.28
CA TYR A 364 0.00 4.78 -4.24
C TYR A 364 -1.37 5.29 -4.72
N GLY A 365 -1.84 6.41 -4.18
CA GLY A 365 -3.16 6.90 -4.48
C GLY A 365 -4.19 5.96 -3.92
N SER A 366 -3.80 5.31 -2.81
CA SER A 366 -4.57 4.24 -2.20
C SER A 366 -5.80 4.76 -1.44
N PRO A 367 -6.77 3.87 -1.16
CA PRO A 367 -7.96 4.22 -0.37
C PRO A 367 -7.58 4.80 1.00
N ILE A 368 -6.51 4.30 1.59
CA ILE A 368 -5.99 4.80 2.84
C ILE A 368 -4.65 5.42 2.51
N THR A 369 -4.44 6.68 2.87
CA THR A 369 -3.31 7.45 2.35
C THR A 369 -2.05 7.11 3.13
N GLU A 370 -0.93 7.68 2.68
CA GLU A 370 0.34 7.50 3.34
C GLU A 370 0.28 7.94 4.80
N THR A 371 -0.47 8.99 5.09
CA THR A 371 -0.58 9.49 6.44
C THR A 371 -1.73 8.79 7.16
N ARG A 372 -2.23 7.72 6.54
CA ARG A 372 -3.20 6.81 7.15
C ARG A 372 -4.61 7.39 7.24
N ASN A 373 -4.87 8.50 6.57
CA ASN A 373 -6.22 9.09 6.60
C ASN A 373 -7.21 8.44 5.61
N VAL A 374 -8.50 8.52 5.96
CA VAL A 374 -9.53 7.92 5.12
C VAL A 374 -10.44 8.99 4.55
N THR A 375 -9.85 10.08 4.07
CA THR A 375 -10.64 11.16 3.50
C THR A 375 -11.06 10.85 2.07
N ARG A 376 -10.23 10.13 1.32
CA ARG A 376 -10.50 9.96 -0.11
C ARG A 376 -11.87 9.33 -0.35
N GLU A 377 -12.59 9.85 -1.33
CA GLU A 377 -13.93 9.35 -1.65
C GLU A 377 -13.93 7.85 -2.08
N LYS A 378 -12.85 7.40 -2.72
CA LYS A 378 -12.68 5.98 -3.07
C LYS A 378 -12.86 5.07 -1.86
N TYR A 379 -12.33 5.50 -0.72
CA TYR A 379 -12.52 4.76 0.54
C TYR A 379 -14.01 4.55 0.84
N SER A 380 -14.76 5.64 0.92
CA SER A 380 -16.18 5.57 1.23
C SER A 380 -16.94 4.78 0.18
N ASP A 381 -16.47 4.83 -1.07
CA ASP A 381 -17.16 4.13 -2.15
C ASP A 381 -16.89 2.62 -2.13
N ILE A 382 -15.66 2.24 -1.79
CA ILE A 382 -15.35 0.83 -1.60
C ILE A 382 -16.18 0.24 -0.47
N LYS A 383 -16.32 1.01 0.61
CA LYS A 383 -17.13 0.59 1.75
C LYS A 383 -18.58 0.23 1.37
N LEU A 384 -19.20 1.02 0.51
CA LEU A 384 -20.56 0.70 0.07
C LEU A 384 -20.61 -0.68 -0.57
N LEU A 385 -19.64 -0.95 -1.43
CA LEU A 385 -19.61 -2.21 -2.16
C LEU A 385 -19.32 -3.44 -1.27
N ALA A 386 -18.25 -3.36 -0.47
CA ALA A 386 -17.87 -4.45 0.42
C ALA A 386 -18.99 -4.81 1.42
N ASN A 387 -19.78 -3.81 1.80
CA ASN A 387 -20.88 -4.08 2.72
C ASN A 387 -22.01 -4.85 2.04
N PHE A 388 -22.15 -4.66 0.73
CA PHE A 388 -23.12 -5.42 0.00
C PHE A 388 -22.68 -6.89 -0.08
N VAL A 389 -21.40 -7.13 -0.32
CA VAL A 389 -20.91 -8.50 -0.46
C VAL A 389 -21.06 -9.25 0.86
N LYS A 390 -20.66 -8.58 1.92
CA LYS A 390 -20.70 -9.11 3.28
C LYS A 390 -22.11 -9.54 3.68
N ALA A 391 -23.11 -8.83 3.16
CA ALA A 391 -24.47 -9.06 3.57
C ALA A 391 -25.18 -10.01 2.63
N SER A 392 -24.48 -10.47 1.60
CA SER A 392 -25.15 -11.16 0.49
C SER A 392 -24.53 -12.52 0.18
N PRO A 393 -24.78 -13.51 1.04
CA PRO A 393 -24.18 -14.84 0.82
C PRO A 393 -24.64 -15.51 -0.48
N SER A 394 -25.80 -15.10 -1.01
CA SER A 394 -26.30 -15.73 -2.24
C SER A 394 -25.47 -15.32 -3.46
N TYR A 395 -24.66 -14.27 -3.30
CA TYR A 395 -23.74 -13.84 -4.34
C TYR A 395 -22.76 -14.98 -4.74
N LEU A 396 -22.27 -15.74 -3.77
CA LEU A 396 -21.31 -16.80 -4.08
C LEU A 396 -21.92 -17.96 -4.88
N THR A 397 -23.23 -18.17 -4.75
CA THR A 397 -23.88 -19.29 -5.44
C THR A 397 -24.61 -18.87 -6.70
N ALA A 398 -24.63 -17.57 -6.98
CA ALA A 398 -25.31 -17.03 -8.15
C ALA A 398 -24.43 -17.11 -9.39
N THR A 399 -24.46 -18.22 -10.11
CA THR A 399 -23.44 -18.43 -11.16
C THR A 399 -23.43 -17.38 -12.29
N PRO A 400 -22.26 -16.81 -12.56
CA PRO A 400 -22.05 -15.75 -13.57
C PRO A 400 -22.33 -16.22 -14.99
N ARG A 401 -22.96 -15.35 -15.78
CA ARG A 401 -23.33 -15.64 -17.17
C ARG A 401 -22.62 -14.69 -18.11
N ASN A 402 -22.65 -14.96 -19.41
CA ASN A 402 -22.03 -14.08 -20.41
C ASN A 402 -22.66 -12.70 -20.33
N LEU A 403 -21.88 -11.65 -20.58
CA LEU A 403 -22.46 -10.31 -20.60
C LEU A 403 -23.38 -10.12 -21.80
N THR A 404 -24.32 -9.20 -21.67
CA THR A 404 -25.32 -8.97 -22.71
C THR A 404 -25.48 -7.50 -23.02
N THR A 405 -25.89 -7.21 -24.24
CA THR A 405 -26.29 -5.86 -24.61
C THR A 405 -27.62 -5.96 -25.32
N GLY A 406 -28.59 -5.17 -24.86
CA GLY A 406 -29.90 -5.10 -25.50
C GLY A 406 -30.83 -6.25 -25.18
N VAL A 407 -30.54 -6.99 -24.12
CA VAL A 407 -31.35 -8.12 -23.71
C VAL A 407 -32.17 -7.75 -22.46
N TYR A 408 -31.51 -7.19 -21.45
CA TYR A 408 -32.19 -6.85 -20.21
C TYR A 408 -32.49 -5.36 -20.14
N THR A 409 -31.99 -4.62 -21.13
CA THR A 409 -32.42 -3.26 -21.34
C THR A 409 -32.74 -3.07 -22.80
N ASP A 410 -33.42 -1.98 -23.11
CA ASP A 410 -33.77 -1.69 -24.47
C ASP A 410 -32.51 -1.28 -25.24
N THR A 411 -31.69 -0.45 -24.60
CA THR A 411 -30.49 0.09 -25.20
C THR A 411 -29.37 -0.93 -25.23
N SER A 412 -28.48 -0.80 -26.22
CA SER A 412 -27.24 -1.56 -26.25
C SER A 412 -26.09 -0.69 -25.76
N ASP A 413 -26.40 0.53 -25.31
CA ASP A 413 -25.39 1.41 -24.76
C ASP A 413 -25.01 0.99 -23.36
N LEU A 414 -25.82 0.09 -22.79
CA LEU A 414 -25.52 -0.47 -21.49
C LEU A 414 -25.18 -1.95 -21.66
N ALA A 415 -24.28 -2.44 -20.84
CA ALA A 415 -24.04 -3.87 -20.79
C ALA A 415 -24.62 -4.36 -19.49
N VAL A 416 -25.18 -5.57 -19.51
CA VAL A 416 -25.72 -6.20 -18.31
C VAL A 416 -25.16 -7.61 -18.20
N THR A 417 -24.55 -7.90 -17.06
CA THR A 417 -24.06 -9.24 -16.80
C THR A 417 -24.92 -9.84 -15.71
N PRO A 418 -25.64 -10.92 -16.02
CA PRO A 418 -26.50 -11.49 -14.99
C PRO A 418 -25.78 -12.53 -14.16
N LEU A 419 -26.04 -12.55 -12.85
CA LEU A 419 -25.59 -13.63 -11.98
C LEU A 419 -26.79 -14.46 -11.53
N ILE A 420 -26.92 -15.66 -12.08
CA ILE A 420 -28.09 -16.50 -11.86
C ILE A 420 -27.67 -17.93 -11.53
N GLY A 421 -28.04 -18.44 -10.36
CA GLY A 421 -27.74 -19.82 -9.96
C GLY A 421 -28.89 -20.84 -9.98
N ASP A 422 -28.66 -22.00 -9.35
CA ASP A 422 -29.66 -23.08 -9.32
C ASP A 422 -30.90 -22.74 -8.49
N SER A 423 -30.76 -21.81 -7.55
CA SER A 423 -31.87 -21.40 -6.70
C SER A 423 -32.18 -19.92 -6.91
N PRO A 424 -33.41 -19.48 -6.57
CA PRO A 424 -33.76 -18.06 -6.63
C PRO A 424 -32.80 -17.18 -5.83
N GLY A 425 -32.55 -15.98 -6.36
CA GLY A 425 -31.57 -15.06 -5.82
C GLY A 425 -30.60 -14.76 -6.95
N SER A 426 -30.87 -13.66 -7.67
CA SER A 426 -29.99 -13.26 -8.76
C SER A 426 -29.57 -11.79 -8.70
N PHE A 427 -28.61 -11.44 -9.55
CA PHE A 427 -27.99 -10.11 -9.56
C PHE A 427 -27.71 -9.70 -11.00
N PHE A 428 -27.93 -8.42 -11.29
CA PHE A 428 -27.66 -7.91 -12.62
C PHE A 428 -26.73 -6.71 -12.48
N VAL A 429 -25.53 -6.83 -13.04
CA VAL A 429 -24.55 -5.77 -12.99
C VAL A 429 -24.65 -4.94 -14.26
N VAL A 430 -24.86 -3.64 -14.11
CA VAL A 430 -25.04 -2.73 -15.23
C VAL A 430 -23.94 -1.67 -15.31
N ARG A 431 -23.42 -1.46 -16.52
CA ARG A 431 -22.43 -0.42 -16.76
C ARG A 431 -22.60 0.07 -18.18
N HIS A 432 -22.01 1.21 -18.53
CA HIS A 432 -21.99 1.64 -19.92
C HIS A 432 -21.20 0.63 -20.74
N THR A 433 -21.69 0.33 -21.93
CA THR A 433 -21.03 -0.63 -22.81
C THR A 433 -19.63 -0.15 -23.11
N ASP A 434 -19.50 1.15 -23.34
CA ASP A 434 -18.19 1.79 -23.38
C ASP A 434 -17.92 2.28 -21.97
N TYR A 435 -17.09 1.54 -21.23
CA TYR A 435 -16.86 1.81 -19.82
C TYR A 435 -16.36 3.23 -19.51
N SER A 436 -15.84 3.95 -20.52
CA SER A 436 -15.26 5.26 -20.27
C SER A 436 -16.26 6.41 -20.40
N SER A 437 -17.48 6.08 -20.81
CA SER A 437 -18.53 7.05 -21.06
C SER A 437 -18.87 7.94 -19.86
N GLN A 438 -18.96 9.24 -20.13
CA GLN A 438 -19.40 10.22 -19.14
C GLN A 438 -20.88 10.53 -19.34
N GLU A 439 -21.49 9.85 -20.29
CA GLU A 439 -22.88 10.10 -20.62
C GLU A 439 -23.83 9.71 -19.51
N SER A 440 -24.89 10.49 -19.35
CA SER A 440 -25.91 10.15 -18.39
C SER A 440 -27.03 9.40 -19.13
N THR A 441 -27.23 8.14 -18.81
CA THR A 441 -28.09 7.27 -19.61
C THR A 441 -29.40 6.91 -18.91
N SER A 442 -30.52 7.09 -19.60
CA SER A 442 -31.82 6.67 -19.08
C SER A 442 -32.19 5.31 -19.65
N TYR A 443 -32.84 4.47 -18.83
CA TYR A 443 -33.14 3.12 -19.27
C TYR A 443 -34.20 2.46 -18.41
N LYS A 444 -34.78 1.41 -18.96
CA LYS A 444 -35.73 0.56 -18.27
C LYS A 444 -35.19 -0.87 -18.30
N LEU A 445 -35.55 -1.66 -17.30
CA LEU A 445 -35.07 -3.03 -17.17
C LEU A 445 -36.18 -4.03 -17.53
N LYS A 446 -35.82 -5.15 -18.13
CA LYS A 446 -36.75 -6.27 -18.29
C LYS A 446 -36.07 -7.45 -17.63
N LEU A 447 -36.46 -7.73 -16.40
CA LEU A 447 -35.78 -8.70 -15.55
C LEU A 447 -36.64 -9.95 -15.31
N PRO A 448 -36.01 -11.14 -15.32
CA PRO A 448 -36.77 -12.36 -15.00
C PRO A 448 -36.81 -12.59 -13.50
N THR A 449 -38.00 -12.53 -12.90
CA THR A 449 -38.09 -12.75 -11.47
C THR A 449 -39.06 -13.87 -11.13
N SER A 450 -39.12 -14.22 -9.84
CA SER A 450 -40.00 -15.28 -9.34
C SER A 450 -41.48 -14.93 -9.56
N ALA A 451 -41.74 -13.65 -9.80
CA ALA A 451 -43.08 -13.18 -10.12
C ALA A 451 -43.25 -12.94 -11.63
N GLY A 452 -42.34 -13.50 -12.43
CA GLY A 452 -42.44 -13.39 -13.88
C GLY A 452 -41.53 -12.34 -14.48
N ASN A 453 -41.45 -12.30 -15.81
CA ASN A 453 -40.63 -11.28 -16.47
C ASN A 453 -41.23 -9.90 -16.26
N LEU A 454 -40.60 -9.10 -15.40
CA LEU A 454 -41.11 -7.75 -15.08
C LEU A 454 -40.38 -6.68 -15.86
N THR A 455 -41.10 -5.61 -16.22
CA THR A 455 -40.54 -4.44 -16.88
C THR A 455 -40.51 -3.28 -15.90
N ILE A 456 -39.31 -2.76 -15.65
CA ILE A 456 -39.06 -1.94 -14.47
C ILE A 456 -38.44 -0.61 -14.87
N PRO A 457 -38.96 0.51 -14.31
CA PRO A 457 -40.06 0.67 -13.36
C PRO A 457 -41.45 0.29 -13.91
N GLN A 458 -42.24 -0.38 -13.06
CA GLN A 458 -43.59 -0.79 -13.42
C GLN A 458 -44.53 0.39 -13.24
N LEU A 459 -44.22 1.23 -12.26
CA LEU A 459 -44.97 2.45 -12.04
C LEU A 459 -44.25 3.56 -12.82
N GLU A 460 -44.39 4.79 -12.39
CA GLU A 460 -43.79 5.90 -13.11
C GLU A 460 -42.28 5.84 -13.21
N GLY A 461 -41.71 6.66 -14.10
CA GLY A 461 -40.31 7.00 -14.08
C GLY A 461 -39.38 6.14 -14.91
N THR A 462 -38.09 6.40 -14.75
CA THR A 462 -37.02 5.85 -15.58
C THR A 462 -35.80 5.66 -14.69
N LEU A 463 -34.97 4.66 -14.99
CA LEU A 463 -33.71 4.51 -14.29
C LEU A 463 -32.60 5.31 -14.96
N SER A 464 -31.57 5.67 -14.20
CA SER A 464 -30.43 6.43 -14.74
C SER A 464 -29.09 5.80 -14.38
N LEU A 465 -28.18 5.78 -15.34
CA LEU A 465 -26.79 5.51 -15.03
C LEU A 465 -26.00 6.72 -15.51
N ASN A 466 -25.58 7.55 -14.55
CA ASN A 466 -24.98 8.84 -14.83
C ASN A 466 -23.47 8.84 -14.89
N GLY A 467 -22.93 8.74 -16.09
CA GLY A 467 -21.50 8.86 -16.27
C GLY A 467 -20.76 7.58 -15.89
N ARG A 468 -19.61 7.75 -15.25
CA ARG A 468 -18.77 6.62 -14.86
C ARG A 468 -19.30 6.00 -13.57
N ASP A 469 -20.40 5.26 -13.71
CA ASP A 469 -21.02 4.58 -12.57
C ASP A 469 -21.43 3.16 -12.96
N SER A 470 -21.77 2.35 -11.96
CA SER A 470 -22.24 0.98 -12.22
C SER A 470 -23.15 0.54 -11.09
N LYS A 471 -24.16 -0.25 -11.40
CA LYS A 471 -25.11 -0.69 -10.38
C LYS A 471 -25.19 -2.21 -10.31
N ILE A 472 -25.45 -2.73 -9.12
CA ILE A 472 -25.83 -4.12 -8.99
C ILE A 472 -27.29 -4.17 -8.57
N HIS A 473 -28.17 -4.49 -9.52
CA HIS A 473 -29.59 -4.65 -9.25
C HIS A 473 -29.83 -6.05 -8.69
N VAL A 474 -30.69 -6.15 -7.70
CA VAL A 474 -30.97 -7.44 -7.09
C VAL A 474 -32.39 -7.95 -7.39
N VAL A 475 -32.49 -9.26 -7.56
CA VAL A 475 -33.75 -9.94 -7.83
C VAL A 475 -33.90 -11.13 -6.87
N ASP A 476 -35.09 -11.25 -6.27
CA ASP A 476 -35.41 -12.31 -5.32
C ASP A 476 -34.39 -12.37 -4.21
N TYR A 477 -34.11 -11.20 -3.66
CA TYR A 477 -33.11 -11.02 -2.61
C TYR A 477 -33.75 -11.30 -1.24
N ASN A 478 -33.16 -12.23 -0.49
CA ASN A 478 -33.74 -12.70 0.76
C ASN A 478 -33.32 -11.89 1.98
N VAL A 479 -34.21 -11.05 2.50
CA VAL A 479 -33.92 -10.36 3.75
C VAL A 479 -34.55 -11.12 4.91
N SER A 480 -33.81 -12.10 5.43
CA SER A 480 -34.25 -12.90 6.57
C SER A 480 -35.67 -13.49 6.42
N GLY A 481 -35.96 -14.10 5.28
CA GLY A 481 -37.25 -14.73 5.09
C GLY A 481 -38.30 -13.89 4.38
N THR A 482 -38.03 -12.58 4.26
CA THR A 482 -38.85 -11.71 3.43
C THR A 482 -38.21 -11.58 2.06
N ASN A 483 -38.97 -11.86 1.01
CA ASN A 483 -38.42 -11.77 -0.33
C ASN A 483 -38.56 -10.38 -0.91
N ILE A 484 -37.44 -9.74 -1.24
CA ILE A 484 -37.44 -8.51 -2.02
C ILE A 484 -37.45 -8.95 -3.46
N ILE A 485 -38.57 -8.78 -4.15
CA ILE A 485 -38.72 -9.33 -5.49
C ILE A 485 -37.67 -8.77 -6.44
N TYR A 486 -37.52 -7.46 -6.39
CA TYR A 486 -36.40 -6.80 -7.03
C TYR A 486 -36.17 -5.48 -6.32
N SER A 487 -35.02 -4.89 -6.55
CA SER A 487 -34.75 -3.53 -6.12
C SER A 487 -33.73 -2.97 -7.09
N THR A 488 -34.01 -1.80 -7.65
CA THR A 488 -33.08 -1.18 -8.59
C THR A 488 -32.01 -0.41 -7.83
N ALA A 489 -32.38 0.21 -6.72
CA ALA A 489 -31.36 0.88 -5.92
C ALA A 489 -30.50 -0.19 -5.28
N GLU A 490 -29.23 0.11 -5.04
CA GLU A 490 -28.30 -0.90 -4.54
C GLU A 490 -28.45 -1.15 -3.07
N VAL A 491 -28.08 -2.35 -2.65
CA VAL A 491 -28.15 -2.72 -1.24
C VAL A 491 -26.87 -2.29 -0.56
N PHE A 492 -26.99 -1.62 0.59
CA PHE A 492 -25.83 -1.37 1.44
C PHE A 492 -25.69 -2.52 2.44
N THR A 493 -26.78 -2.79 3.15
CA THR A 493 -26.81 -3.86 4.12
C THR A 493 -28.24 -4.16 4.52
N TRP A 494 -28.42 -5.28 5.22
CA TRP A 494 -29.68 -5.56 5.90
C TRP A 494 -29.34 -6.31 7.18
N LYS A 495 -30.20 -6.15 8.19
CA LYS A 495 -30.08 -6.91 9.44
C LYS A 495 -31.47 -7.31 9.93
N LYS A 496 -31.52 -8.40 10.70
CA LYS A 496 -32.70 -8.75 11.48
C LYS A 496 -32.45 -8.34 12.92
N PHE A 497 -33.22 -7.39 13.41
CA PHE A 497 -33.01 -6.92 14.77
C PHE A 497 -34.01 -7.57 15.71
N ASP A 498 -34.22 -8.87 15.49
CA ASP A 498 -35.03 -9.69 16.39
C ASP A 498 -36.43 -9.08 16.54
N GLY A 499 -37.29 -9.43 15.57
CA GLY A 499 -38.59 -8.81 15.41
C GLY A 499 -38.64 -8.03 14.11
N ASN A 500 -37.89 -6.92 14.06
CA ASN A 500 -37.91 -5.98 12.93
C ASN A 500 -36.69 -6.06 12.02
N LYS A 501 -36.93 -6.20 10.71
CA LYS A 501 -35.85 -6.25 9.74
C LYS A 501 -35.57 -4.87 9.15
N VAL A 502 -34.30 -4.57 8.91
CA VAL A 502 -33.90 -3.31 8.29
C VAL A 502 -33.13 -3.56 6.99
N LEU A 503 -33.52 -2.87 5.92
CA LEU A 503 -32.79 -2.94 4.67
C LEU A 503 -32.36 -1.52 4.31
N VAL A 504 -31.09 -1.34 3.96
CA VAL A 504 -30.60 -0.02 3.60
C VAL A 504 -30.29 0.04 2.11
N LEU A 505 -30.95 0.96 1.42
CA LEU A 505 -30.76 1.12 -0.02
C LEU A 505 -30.24 2.52 -0.35
N TYR A 506 -29.51 2.63 -1.46
CA TYR A 506 -29.00 3.93 -1.89
C TYR A 506 -28.93 4.02 -3.40
N GLY A 507 -28.98 5.24 -3.91
CA GLY A 507 -28.74 5.49 -5.32
C GLY A 507 -27.95 6.77 -5.40
N GLY A 508 -27.44 7.08 -6.60
CA GLY A 508 -26.71 8.33 -6.79
C GLY A 508 -27.71 9.46 -6.92
N PRO A 509 -27.22 10.69 -6.99
CA PRO A 509 -28.10 11.89 -7.05
C PRO A 509 -28.90 11.97 -8.35
N LYS A 510 -30.11 12.51 -8.26
CA LYS A 510 -31.00 12.69 -9.41
C LYS A 510 -31.49 11.40 -10.07
N GLU A 511 -31.41 10.28 -9.35
CA GLU A 511 -31.85 9.00 -9.90
C GLU A 511 -33.25 8.70 -9.41
N HIS A 512 -34.00 7.90 -10.17
CA HIS A 512 -35.28 7.37 -9.70
C HIS A 512 -35.11 5.87 -9.51
N HIS A 513 -35.82 5.30 -8.55
CA HIS A 513 -35.75 3.86 -8.30
C HIS A 513 -37.08 3.23 -7.94
N GLU A 514 -37.09 1.91 -7.90
CA GLU A 514 -38.26 1.14 -7.54
C GLU A 514 -37.85 -0.18 -6.88
N LEU A 515 -38.67 -0.71 -5.99
CA LEU A 515 -38.48 -2.06 -5.49
C LEU A 515 -39.83 -2.73 -5.32
N ALA A 516 -39.82 -4.06 -5.24
CA ALA A 516 -41.05 -4.79 -5.02
C ALA A 516 -40.88 -5.81 -3.89
N ILE A 517 -41.84 -5.84 -2.97
CA ILE A 517 -41.76 -6.76 -1.83
C ILE A 517 -42.88 -7.78 -1.84
N ALA A 518 -42.53 -9.07 -1.71
CA ALA A 518 -43.53 -10.11 -1.49
C ALA A 518 -44.09 -9.97 -0.09
N SER A 519 -45.27 -9.36 0.02
CA SER A 519 -45.83 -8.99 1.30
C SER A 519 -47.32 -8.69 1.19
N LYS A 520 -48.05 -9.04 2.25
CA LYS A 520 -49.49 -8.79 2.33
C LYS A 520 -49.75 -7.45 2.98
N SER A 521 -48.78 -6.94 3.72
CA SER A 521 -48.95 -5.74 4.53
C SER A 521 -49.09 -4.43 3.74
N ASN A 522 -49.49 -3.37 4.45
CA ASN A 522 -49.58 -2.03 3.88
C ASN A 522 -48.21 -1.34 3.87
N VAL A 523 -48.17 -0.09 3.42
CA VAL A 523 -46.92 0.63 3.30
C VAL A 523 -47.05 1.96 4.02
N THR A 524 -46.16 2.22 4.97
CA THR A 524 -46.27 3.44 5.74
C THR A 524 -44.95 4.18 5.65
N ILE A 525 -45.00 5.51 5.64
CA ILE A 525 -43.77 6.28 5.62
C ILE A 525 -43.49 6.83 7.02
N ILE A 526 -42.55 6.23 7.73
CA ILE A 526 -42.35 6.54 9.13
C ILE A 526 -41.28 7.58 9.40
N GLU A 527 -40.59 8.01 8.35
CA GLU A 527 -39.75 9.20 8.41
C GLU A 527 -39.62 9.85 7.04
N GLY A 528 -39.67 11.18 7.00
CA GLY A 528 -39.55 11.93 5.77
C GLY A 528 -40.91 12.17 5.14
N SER A 529 -40.94 12.90 4.03
CA SER A 529 -42.20 13.19 3.36
C SER A 529 -42.45 12.17 2.25
N ASP A 530 -43.73 11.94 1.97
CA ASP A 530 -44.15 11.08 0.86
C ASP A 530 -43.95 11.78 -0.50
N SER A 531 -43.34 12.96 -0.47
CA SER A 531 -42.98 13.67 -1.69
C SER A 531 -42.08 12.79 -2.55
N GLY A 532 -42.51 12.52 -3.78
CA GLY A 532 -41.73 11.75 -4.72
C GLY A 532 -41.91 10.24 -4.62
N ILE A 533 -42.56 9.78 -3.57
CA ILE A 533 -42.72 8.34 -3.34
C ILE A 533 -44.12 7.88 -3.76
N VAL A 534 -44.19 6.84 -4.58
CA VAL A 534 -45.47 6.24 -4.95
C VAL A 534 -45.47 4.75 -4.62
N SER A 535 -46.62 4.24 -4.21
CA SER A 535 -46.76 2.79 -3.99
C SER A 535 -48.12 2.26 -4.45
N THR A 536 -48.14 0.99 -4.79
CA THR A 536 -49.39 0.32 -5.14
C THR A 536 -49.22 -1.17 -4.84
N ARG A 537 -50.32 -1.90 -4.82
CA ARG A 537 -50.25 -3.35 -4.65
C ARG A 537 -50.55 -4.02 -5.98
N LYS A 538 -49.87 -5.12 -6.27
CA LYS A 538 -50.12 -5.87 -7.50
C LYS A 538 -50.13 -7.31 -7.06
N GLY A 539 -51.33 -7.87 -6.91
CA GLY A 539 -51.47 -9.21 -6.37
C GLY A 539 -50.90 -9.32 -4.97
N SER A 540 -49.98 -10.26 -4.78
CA SER A 540 -49.41 -10.50 -3.46
C SER A 540 -48.08 -9.76 -3.28
N SER A 541 -47.82 -8.79 -4.15
CA SER A 541 -46.63 -7.96 -4.02
C SER A 541 -46.99 -6.50 -3.75
N VAL A 542 -46.02 -5.78 -3.19
CA VAL A 542 -46.13 -4.36 -2.95
C VAL A 542 -45.01 -3.68 -3.73
N ILE A 543 -45.38 -2.74 -4.60
CA ILE A 543 -44.41 -2.02 -5.40
C ILE A 543 -44.19 -0.61 -4.87
N ILE A 544 -42.93 -0.19 -4.78
CA ILE A 544 -42.59 1.15 -4.27
C ILE A 544 -41.61 1.88 -5.18
N GLY A 545 -41.98 3.08 -5.63
CA GLY A 545 -41.08 3.89 -6.42
C GLY A 545 -40.62 5.11 -5.64
N TRP A 546 -39.39 5.55 -5.89
CA TRP A 546 -38.86 6.71 -5.16
C TRP A 546 -37.77 7.51 -5.87
N ASP A 547 -37.70 8.81 -5.56
CA ASP A 547 -36.59 9.65 -6.02
C ASP A 547 -35.53 9.77 -4.96
N VAL A 548 -34.28 9.56 -5.38
CA VAL A 548 -33.15 9.80 -4.52
C VAL A 548 -33.22 11.24 -4.01
N SER A 549 -32.92 11.42 -2.73
CA SER A 549 -32.95 12.74 -2.12
C SER A 549 -31.88 12.85 -1.04
N SER A 550 -31.47 14.06 -0.73
CA SER A 550 -30.43 14.27 0.27
C SER A 550 -31.01 14.11 1.67
N THR A 551 -32.33 13.99 1.77
CA THR A 551 -32.92 13.68 3.06
C THR A 551 -33.46 12.26 3.05
N ARG A 552 -33.12 11.51 4.09
CA ARG A 552 -33.51 10.12 4.23
C ARG A 552 -35.01 9.92 4.38
N ARG A 553 -35.52 8.87 3.75
CA ARG A 553 -36.87 8.40 3.99
C ARG A 553 -36.76 6.98 4.53
N ILE A 554 -37.66 6.60 5.43
CA ILE A 554 -37.75 5.24 5.88
C ILE A 554 -39.17 4.76 5.61
N VAL A 555 -39.32 3.62 4.97
CA VAL A 555 -40.62 3.09 4.61
C VAL A 555 -40.85 1.75 5.30
N GLN A 556 -42.00 1.57 5.96
CA GLN A 556 -42.24 0.32 6.65
C GLN A 556 -43.27 -0.55 5.93
N VAL A 557 -42.91 -1.80 5.71
CA VAL A 557 -43.79 -2.75 5.07
C VAL A 557 -43.86 -4.00 5.93
N GLY A 558 -44.89 -4.09 6.79
CA GLY A 558 -44.95 -5.16 7.77
C GLY A 558 -43.84 -4.99 8.78
N ASP A 559 -43.10 -6.06 9.05
CA ASP A 559 -41.99 -6.00 9.98
C ASP A 559 -40.67 -5.66 9.29
N LEU A 560 -40.77 -4.95 8.15
CA LEU A 560 -39.59 -4.61 7.35
C LEU A 560 -39.44 -3.10 7.18
N ARG A 561 -38.33 -2.54 7.64
CA ARG A 561 -38.09 -1.12 7.41
C ARG A 561 -37.04 -0.91 6.34
N VAL A 562 -37.40 -0.13 5.31
CA VAL A 562 -36.47 0.17 4.24
C VAL A 562 -35.97 1.62 4.33
N PHE A 563 -34.66 1.77 4.55
CA PHE A 563 -34.01 3.09 4.52
C PHE A 563 -33.68 3.48 3.07
N LEU A 564 -34.07 4.69 2.66
CA LEU A 564 -33.78 5.14 1.29
C LEU A 564 -32.83 6.35 1.31
N LEU A 565 -31.56 6.11 0.98
CA LEU A 565 -30.53 7.14 1.08
C LEU A 565 -30.02 7.59 -0.27
N ASP A 566 -29.41 8.77 -0.31
CA ASP A 566 -28.54 9.12 -1.43
C ASP A 566 -27.13 8.60 -1.15
N ARG A 567 -26.36 8.40 -2.21
CA ARG A 567 -25.02 7.85 -2.13
C ARG A 567 -24.13 8.58 -1.12
N ASN A 568 -24.15 9.90 -1.14
CA ASN A 568 -23.25 10.68 -0.28
C ASN A 568 -23.58 10.63 1.20
N ALA A 570 -25.00 7.78 2.42
CA ALA A 570 -24.69 6.37 2.72
C ALA A 570 -23.20 6.22 3.06
N TYR A 571 -22.39 7.08 2.45
CA TYR A 571 -20.97 7.17 2.73
C TYR A 571 -20.69 7.23 4.23
N ASN A 572 -21.63 7.76 5.02
CA ASN A 572 -21.40 8.00 6.44
C ASN A 572 -21.90 6.88 7.34
N TYR A 573 -22.43 5.83 6.75
CA TYR A 573 -22.94 4.70 7.51
C TYR A 573 -21.85 3.65 7.69
N TRP A 574 -22.01 2.85 8.74
CA TRP A 574 -21.09 1.77 9.06
C TRP A 574 -21.89 0.58 9.59
N VAL A 575 -21.32 -0.62 9.48
CA VAL A 575 -22.00 -1.82 9.97
C VAL A 575 -21.06 -2.68 10.82
N PRO A 576 -20.76 -2.21 12.04
CA PRO A 576 -19.81 -2.91 12.92
C PRO A 576 -20.46 -4.09 13.62
N GLU A 577 -19.70 -5.18 13.80
CA GLU A 577 -20.18 -6.29 14.59
C GLU A 577 -20.26 -5.87 16.06
N LEU A 578 -21.12 -6.52 16.83
CA LEU A 578 -21.40 -6.11 18.21
C LEU A 578 -21.07 -7.21 19.22
N PRO A 579 -19.77 -7.42 19.51
CA PRO A 579 -19.39 -8.46 20.48
C PRO A 579 -19.96 -8.17 21.87
N THR A 580 -20.38 -9.23 22.58
CA THR A 580 -20.97 -9.05 23.91
C THR A 580 -20.01 -9.36 25.06
N GLU A 581 -18.86 -9.95 24.74
CA GLU A 581 -17.78 -10.10 25.72
C GLU A 581 -16.44 -9.74 25.09
N GLY A 582 -15.74 -8.80 25.69
CA GLY A 582 -14.54 -8.24 25.09
C GLY A 582 -14.85 -7.18 24.06
N THR A 583 -13.81 -6.62 23.45
CA THR A 583 -13.99 -5.57 22.46
C THR A 583 -13.51 -5.97 21.07
N SER A 584 -13.00 -7.19 20.95
CA SER A 584 -12.61 -7.70 19.65
C SER A 584 -13.81 -8.41 19.02
N PRO A 585 -14.05 -8.13 17.72
CA PRO A 585 -15.17 -8.72 16.97
C PRO A 585 -14.95 -10.19 16.59
N GLY A 586 -13.70 -10.65 16.63
CA GLY A 586 -13.40 -12.01 16.19
C GLY A 586 -13.34 -12.06 14.68
N PHE A 587 -12.95 -13.20 14.12
CA PHE A 587 -12.90 -13.37 12.67
C PHE A 587 -14.30 -13.30 12.05
N SER A 588 -14.37 -13.01 10.76
CA SER A 588 -15.67 -12.84 10.09
C SER A 588 -16.39 -14.15 9.84
N THR A 589 -17.63 -14.20 10.30
CA THR A 589 -18.41 -15.40 10.36
C THR A 589 -19.84 -14.96 10.11
N SER A 590 -20.71 -15.85 9.62
CA SER A 590 -22.11 -15.48 9.39
C SER A 590 -22.83 -15.14 10.69
N LYS A 591 -22.50 -15.86 11.75
CA LYS A 591 -23.03 -15.55 13.08
C LYS A 591 -22.60 -14.14 13.55
N THR A 592 -21.35 -13.74 13.29
CA THR A 592 -20.94 -12.37 13.69
C THR A 592 -21.49 -11.30 12.77
N THR A 593 -21.68 -11.65 11.49
CA THR A 593 -22.32 -10.72 10.55
C THR A 593 -23.78 -10.49 10.97
N ALA A 594 -24.45 -11.55 11.39
CA ALA A 594 -25.86 -11.47 11.78
C ALA A 594 -26.11 -10.57 12.99
N SER A 595 -25.15 -10.51 13.91
CA SER A 595 -25.35 -9.68 15.09
C SER A 595 -24.56 -8.38 15.02
N SER A 596 -24.60 -7.72 13.88
CA SER A 596 -23.96 -6.43 13.74
C SER A 596 -25.04 -5.37 13.87
N ILE A 597 -24.64 -4.12 14.04
CA ILE A 597 -25.63 -3.05 14.07
C ILE A 597 -25.36 -2.06 12.94
N ILE A 598 -26.27 -1.13 12.73
CA ILE A 598 -26.07 -0.09 11.74
C ILE A 598 -25.86 1.24 12.45
N VAL A 599 -24.76 1.92 12.13
CA VAL A 599 -24.45 3.16 12.79
C VAL A 599 -24.19 4.25 11.75
N LYS A 600 -24.85 5.39 11.91
CA LYS A 600 -24.49 6.57 11.11
C LYS A 600 -23.55 7.43 11.93
N ALA A 601 -22.33 7.64 11.44
CA ALA A 601 -21.42 8.57 12.11
C ALA A 601 -20.76 9.47 11.07
N GLY A 602 -19.46 9.69 11.22
CA GLY A 602 -18.72 10.51 10.28
C GLY A 602 -17.44 9.87 9.79
N TYR A 603 -16.32 10.48 10.16
CA TYR A 603 -15.00 10.12 9.65
C TYR A 603 -14.65 8.62 9.73
N LEU A 604 -14.89 8.00 10.88
CA LEU A 604 -14.50 6.60 11.06
C LEU A 604 -15.20 5.92 12.22
N LEU A 605 -15.60 4.67 12.03
CA LEU A 605 -16.10 3.85 13.14
C LEU A 605 -15.18 2.63 13.24
N ARG A 606 -14.42 2.54 14.32
CA ARG A 606 -13.48 1.43 14.55
C ARG A 606 -14.17 0.15 15.01
N GLY A 607 -15.20 0.29 15.83
CA GLY A 607 -15.92 -0.87 16.34
C GLY A 607 -17.03 -0.54 17.30
N ALA A 608 -17.65 -1.58 17.85
CA ALA A 608 -18.72 -1.41 18.81
C ALA A 608 -18.76 -2.66 19.63
N HIS A 609 -19.11 -2.53 20.90
CA HIS A 609 -19.31 -3.71 21.74
C HIS A 609 -20.37 -3.44 22.79
N LEU A 610 -20.99 -4.50 23.28
CA LEU A 610 -22.08 -4.40 24.24
C LEU A 610 -21.62 -4.89 25.59
N ASP A 611 -21.62 -3.98 26.56
CA ASP A 611 -21.13 -4.28 27.90
C ASP A 611 -22.31 -4.18 28.86
N GLY A 612 -23.06 -5.27 28.98
CA GLY A 612 -24.25 -5.27 29.79
C GLY A 612 -25.34 -4.41 29.19
N ALA A 613 -25.53 -3.23 29.74
CA ALA A 613 -26.58 -2.32 29.29
C ALA A 613 -25.96 -1.10 28.62
N ASP A 614 -24.64 -1.15 28.45
CA ASP A 614 -23.89 -0.06 27.85
C ASP A 614 -23.50 -0.37 26.43
N LEU A 615 -23.91 0.50 25.52
CA LEU A 615 -23.53 0.34 24.13
C LEU A 615 -22.34 1.23 23.85
N HIS A 616 -21.22 0.60 23.49
CA HIS A 616 -19.99 1.33 23.25
C HIS A 616 -19.67 1.50 21.77
N LEU A 617 -19.41 2.74 21.37
CA LEU A 617 -18.89 3.04 20.04
C LEU A 617 -17.44 3.50 20.15
N THR A 618 -16.57 2.98 19.27
CA THR A 618 -15.21 3.49 19.17
C THR A 618 -15.03 4.17 17.81
N ALA A 619 -14.73 5.46 17.79
CA ALA A 619 -14.82 6.24 16.56
C ALA A 619 -13.79 7.35 16.45
N ASP A 620 -13.51 7.79 15.22
CA ASP A 620 -12.69 8.98 14.98
C ASP A 620 -13.59 10.05 14.35
N PHE A 621 -13.27 11.32 14.61
CA PHE A 621 -14.07 12.44 14.13
C PHE A 621 -13.19 13.58 13.57
N ASN A 622 -13.58 14.13 12.41
CA ASN A 622 -12.88 15.29 11.86
C ASN A 622 -13.81 16.50 11.68
N ALA A 623 -15.03 16.37 12.19
CA ALA A 623 -15.99 17.46 12.17
C ALA A 623 -17.03 17.11 13.22
N THR A 624 -17.82 18.11 13.63
CA THR A 624 -18.99 17.89 14.45
C THR A 624 -19.87 16.84 13.81
N THR A 625 -20.16 15.78 14.57
CA THR A 625 -20.77 14.60 13.97
C THR A 625 -22.05 14.12 14.66
N PRO A 626 -23.20 14.17 13.93
CA PRO A 626 -24.43 13.51 14.37
C PRO A 626 -24.20 12.01 14.38
N ILE A 627 -24.64 11.33 15.43
CA ILE A 627 -24.51 9.88 15.51
C ILE A 627 -25.91 9.27 15.61
N GLU A 628 -26.09 8.13 14.96
CA GLU A 628 -27.34 7.39 15.04
C GLU A 628 -27.03 5.93 15.21
N VAL A 629 -27.71 5.28 16.14
CA VAL A 629 -27.55 3.85 16.30
C VAL A 629 -28.87 3.21 15.93
N ILE A 630 -28.79 2.29 14.99
CA ILE A 630 -29.95 1.59 14.47
C ILE A 630 -29.84 0.11 14.80
N GLY A 631 -30.81 -0.41 15.52
CA GLY A 631 -30.81 -1.82 15.88
C GLY A 631 -30.13 -2.08 17.20
N ALA A 632 -30.15 -1.08 18.10
CA ALA A 632 -29.67 -1.29 19.47
C ALA A 632 -30.42 -2.45 20.10
N PRO A 633 -29.70 -3.33 20.81
CA PRO A 633 -30.33 -4.49 21.45
C PRO A 633 -31.28 -4.08 22.59
N THR A 634 -32.21 -4.95 22.92
CA THR A 634 -33.26 -4.56 23.86
C THR A 634 -32.75 -4.26 25.26
N GLY A 635 -31.72 -4.98 25.69
CA GLY A 635 -31.11 -4.69 26.97
C GLY A 635 -30.37 -3.35 27.08
N ALA A 636 -29.97 -2.78 25.94
CA ALA A 636 -29.12 -1.61 25.95
C ALA A 636 -29.84 -0.38 26.45
N LYS A 637 -29.21 0.35 27.36
CA LYS A 637 -29.83 1.54 27.94
C LYS A 637 -28.96 2.79 27.80
N ASN A 638 -27.66 2.61 27.63
CA ASN A 638 -26.73 3.74 27.65
C ASN A 638 -25.78 3.77 26.47
N LEU A 639 -25.42 4.98 26.04
CA LEU A 639 -24.47 5.16 24.95
C LEU A 639 -23.13 5.70 25.45
N PHE A 640 -22.05 5.04 25.02
CA PHE A 640 -20.69 5.46 25.33
C PHE A 640 -19.94 5.73 24.02
N VAL A 641 -19.21 6.83 23.97
CA VAL A 641 -18.39 7.10 22.81
C VAL A 641 -16.94 7.29 23.24
N ASN A 642 -16.07 6.42 22.76
CA ASN A 642 -14.65 6.45 23.15
C ASN A 642 -14.47 6.45 24.67
N GLY A 643 -15.23 5.61 25.35
CA GLY A 643 -15.14 5.49 26.80
C GLY A 643 -15.81 6.59 27.60
N GLU A 644 -16.52 7.49 26.94
CA GLU A 644 -17.22 8.55 27.65
C GLU A 644 -18.71 8.44 27.49
N LYS A 645 -19.43 8.41 28.60
CA LYS A 645 -20.89 8.43 28.55
C LYS A 645 -21.34 9.64 27.75
N ALA A 646 -22.22 9.40 26.80
CA ALA A 646 -22.75 10.44 25.94
C ALA A 646 -24.26 10.49 26.08
N SER A 647 -24.81 11.69 26.11
CA SER A 647 -26.27 11.83 26.16
C SER A 647 -26.88 11.39 24.85
N HIS A 648 -28.02 10.71 24.91
CA HIS A 648 -28.74 10.35 23.70
C HIS A 648 -30.27 10.39 23.85
N THR A 649 -30.93 10.20 22.70
CA THR A 649 -32.35 10.42 22.53
C THR A 649 -32.88 9.25 21.72
N VAL A 650 -34.12 8.84 21.97
CA VAL A 650 -34.73 7.78 21.17
C VAL A 650 -35.95 8.35 20.46
N ASP A 651 -36.02 8.23 19.12
CA ASP A 651 -37.17 8.78 18.39
C ASP A 651 -38.36 7.81 18.32
N LYS A 652 -39.43 8.22 17.63
CA LYS A 652 -40.64 7.39 17.54
C LYS A 652 -40.36 6.00 16.94
N ASN A 653 -39.27 5.88 16.20
CA ASN A 653 -38.95 4.62 15.53
C ASN A 653 -37.86 3.83 16.24
N GLY A 654 -37.47 4.27 17.43
CA GLY A 654 -36.52 3.53 18.24
C GLY A 654 -35.06 3.69 17.86
N ILE A 655 -34.79 4.65 16.98
CA ILE A 655 -33.42 4.99 16.61
C ILE A 655 -32.77 5.90 17.67
N TRP A 656 -31.56 5.53 18.10
CA TRP A 656 -30.79 6.34 19.04
C TRP A 656 -30.13 7.52 18.35
N SER A 657 -29.97 8.62 19.08
CA SER A 657 -29.51 9.83 18.46
C SER A 657 -28.61 10.62 19.40
N SER A 658 -27.40 10.93 18.97
CA SER A 658 -26.48 11.69 19.80
C SER A 658 -25.61 12.54 18.90
N GLU A 659 -24.73 13.35 19.48
CA GLU A 659 -23.85 14.20 18.69
C GLU A 659 -22.51 14.33 19.37
N VAL A 660 -21.43 14.43 18.57
CA VAL A 660 -20.10 14.73 19.12
C VAL A 660 -19.58 16.02 18.52
N LYS A 661 -19.27 17.01 19.35
CA LYS A 661 -18.75 18.30 18.87
C LYS A 661 -17.28 18.20 18.56
N TYR A 662 -16.86 18.83 17.47
CA TYR A 662 -15.45 18.90 17.12
C TYR A 662 -14.97 20.35 17.21
N ALA A 663 -13.86 20.53 17.90
CA ALA A 663 -13.21 21.83 17.98
C ALA A 663 -11.70 21.62 17.82
N ALA A 664 -11.17 22.04 16.68
CA ALA A 664 -9.76 21.88 16.38
C ALA A 664 -8.91 22.47 17.48
N PRO A 665 -8.01 21.65 18.05
CA PRO A 665 -7.08 22.19 19.06
C PRO A 665 -6.03 23.07 18.41
N GLU A 666 -5.36 23.90 19.21
CA GLU A 666 -4.26 24.72 18.71
C GLU A 666 -3.03 23.81 18.48
N ILE A 667 -2.46 23.86 17.27
CA ILE A 667 -1.29 23.03 16.98
C ILE A 667 -0.04 23.88 16.85
N LYS A 668 0.87 23.77 17.82
CA LYS A 668 2.12 24.53 17.83
C LYS A 668 3.24 23.75 17.19
N LEU A 669 3.69 24.20 16.04
CA LEU A 669 4.83 23.58 15.38
C LEU A 669 5.97 24.58 15.31
N PRO A 670 7.17 24.15 15.67
CA PRO A 670 8.32 25.04 15.51
C PRO A 670 8.55 25.41 14.04
N GLY A 671 8.90 26.66 13.77
CA GLY A 671 9.35 27.06 12.45
C GLY A 671 10.76 26.56 12.22
N LEU A 672 10.95 25.67 11.26
CA LEU A 672 12.25 25.03 11.06
C LEU A 672 13.40 26.00 10.80
N LYS A 673 13.12 27.14 10.18
CA LYS A 673 14.18 28.11 9.89
C LYS A 673 14.70 28.78 11.16
N ASP A 674 13.87 28.81 12.20
CA ASP A 674 14.23 29.43 13.46
C ASP A 674 15.06 28.52 14.37
N LEU A 675 15.16 27.24 14.02
CA LEU A 675 15.93 26.29 14.80
C LEU A 675 17.44 26.61 14.87
N ASP A 676 18.11 26.04 15.86
CA ASP A 676 19.53 26.25 16.04
C ASP A 676 20.34 25.21 15.28
N TRP A 677 20.36 25.33 13.95
CA TRP A 677 21.01 24.37 13.07
C TRP A 677 22.54 24.30 13.18
N LYS A 678 23.06 23.09 13.24
CA LYS A 678 24.51 22.92 13.18
C LYS A 678 24.90 22.32 11.83
N TYR A 679 26.02 22.77 11.30
CA TYR A 679 26.52 22.31 10.01
C TYR A 679 27.80 21.52 10.20
N LEU A 680 27.95 20.44 9.43
CA LEU A 680 29.18 19.68 9.39
C LEU A 680 29.48 19.33 7.93
N ASP A 681 30.75 19.35 7.56
CA ASP A 681 31.15 18.95 6.23
C ASP A 681 31.16 17.43 6.22
N THR A 682 30.29 16.81 5.43
CA THR A 682 30.27 15.36 5.40
C THR A 682 30.92 14.78 4.14
N LEU A 683 31.78 15.57 3.50
CA LEU A 683 32.64 15.02 2.46
C LEU A 683 34.07 15.44 2.71
N PRO A 684 34.64 15.06 3.86
CA PRO A 684 36.01 15.49 4.11
C PRO A 684 36.99 14.74 3.23
N GLU A 685 36.51 13.77 2.47
CA GLU A 685 37.34 12.99 1.54
C GLU A 685 37.93 13.87 0.43
N ILE A 686 37.29 14.99 0.11
CA ILE A 686 37.81 15.84 -0.92
C ILE A 686 38.79 16.90 -0.41
N LYS A 687 39.31 16.71 0.80
CA LYS A 687 40.40 17.53 1.31
C LYS A 687 41.65 16.65 1.36
N SER A 688 42.81 17.22 1.05
CA SER A 688 44.04 16.45 0.97
C SER A 688 44.56 15.90 2.31
N SER A 689 43.89 16.24 3.40
CA SER A 689 44.30 15.75 4.71
C SER A 689 43.65 14.41 5.09
N TYR A 690 42.62 14.02 4.33
CA TYR A 690 41.90 12.77 4.61
C TYR A 690 42.75 11.51 4.40
N ASP A 691 42.69 10.59 5.35
CA ASP A 691 43.41 9.34 5.27
C ASP A 691 42.45 8.17 5.06
N ASP A 692 42.53 7.53 3.90
CA ASP A 692 41.59 6.47 3.58
C ASP A 692 42.16 5.08 3.82
N SER A 693 43.21 4.99 4.63
CA SER A 693 43.93 3.74 4.77
C SER A 693 43.09 2.64 5.45
N ALA A 694 42.05 3.03 6.17
CA ALA A 694 41.16 2.02 6.76
C ALA A 694 40.12 1.50 5.78
N TRP A 695 39.98 2.14 4.61
CA TRP A 695 38.94 1.73 3.67
C TRP A 695 39.26 0.38 3.07
N VAL A 696 38.22 -0.35 2.68
CA VAL A 696 38.38 -1.56 1.89
C VAL A 696 39.02 -1.23 0.52
N SER A 697 39.96 -2.06 0.09
CA SER A 697 40.52 -1.96 -1.25
C SER A 697 39.68 -2.68 -2.31
N ALA A 698 39.33 -1.96 -3.36
CA ALA A 698 38.62 -2.56 -4.48
C ALA A 698 39.61 -3.25 -5.41
N ASP A 699 40.16 -4.38 -4.97
CA ASP A 699 41.24 -5.02 -5.73
C ASP A 699 40.93 -6.44 -6.22
N LEU A 700 39.65 -6.77 -6.41
CA LEU A 700 39.30 -8.08 -6.92
C LEU A 700 39.59 -8.11 -8.40
N PRO A 701 40.37 -9.10 -8.85
CA PRO A 701 40.64 -9.25 -10.29
C PRO A 701 39.43 -9.79 -11.08
N LYS A 702 38.58 -10.58 -10.43
CA LYS A 702 37.37 -11.07 -11.08
C LYS A 702 36.14 -10.68 -10.25
N THR A 703 35.07 -10.23 -10.90
CA THR A 703 33.81 -10.04 -10.20
C THR A 703 33.12 -11.38 -9.94
N LYS A 704 32.27 -11.41 -8.91
CA LYS A 704 31.43 -12.58 -8.67
C LYS A 704 30.05 -12.40 -9.27
N ASN A 705 29.87 -11.28 -9.95
CA ASN A 705 28.63 -11.01 -10.67
C ASN A 705 28.61 -11.80 -11.99
N THR A 706 27.61 -12.65 -12.15
CA THR A 706 27.53 -13.50 -13.35
C THR A 706 26.83 -12.81 -14.52
N HIS A 707 26.58 -11.53 -14.40
CA HIS A 707 25.64 -10.88 -15.29
C HIS A 707 26.27 -9.74 -16.05
N ARG A 708 27.35 -9.22 -15.49
CA ARG A 708 28.09 -8.17 -16.16
C ARG A 708 29.57 -8.34 -15.87
N PRO A 709 30.32 -8.89 -16.84
CA PRO A 709 31.76 -9.05 -16.73
C PRO A 709 32.41 -7.67 -16.66
N LEU A 710 33.56 -7.57 -16.01
CA LEU A 710 34.23 -6.30 -15.80
C LEU A 710 34.76 -5.63 -17.08
N ASP A 711 34.91 -4.32 -17.02
CA ASP A 711 35.62 -3.54 -18.04
C ASP A 711 36.80 -2.85 -17.39
N THR A 712 37.04 -3.17 -16.13
CA THR A 712 38.05 -2.46 -15.34
C THR A 712 39.03 -3.48 -14.79
N PRO A 713 40.28 -3.06 -14.52
CA PRO A 713 41.28 -4.03 -14.03
C PRO A 713 40.79 -4.77 -12.78
N THR A 714 40.03 -4.08 -11.93
CA THR A 714 39.43 -4.72 -10.75
C THR A 714 37.94 -4.42 -10.68
N SER A 715 37.22 -5.19 -9.88
CA SER A 715 35.80 -4.95 -9.69
C SER A 715 35.57 -3.65 -8.95
N LEU A 716 34.77 -2.77 -9.52
CA LEU A 716 34.35 -1.56 -8.83
C LEU A 716 32.85 -1.63 -8.57
N TYR A 717 32.33 -2.86 -8.62
CA TYR A 717 30.94 -3.16 -8.27
C TYR A 717 30.80 -3.18 -6.75
N SER A 718 29.94 -2.35 -6.19
CA SER A 718 29.86 -2.21 -4.73
C SER A 718 29.44 -3.49 -3.99
N SER A 719 28.54 -4.27 -4.58
CA SER A 719 28.09 -5.51 -3.95
C SER A 719 29.14 -6.64 -3.85
N ASP A 720 30.17 -6.56 -4.69
CA ASP A 720 31.29 -7.48 -4.56
C ASP A 720 31.99 -7.32 -3.22
N TYR A 721 31.83 -6.15 -2.59
CA TYR A 721 32.52 -5.85 -1.35
C TYR A 721 31.52 -5.68 -0.20
N GLY A 722 30.27 -6.02 -0.46
CA GLY A 722 29.24 -6.00 0.57
C GLY A 722 28.56 -4.66 0.84
N PHE A 723 28.66 -3.71 -0.10
CA PHE A 723 27.97 -2.42 0.01
C PHE A 723 26.80 -2.34 -0.98
N HIS A 724 25.58 -2.29 -0.47
CA HIS A 724 24.39 -2.42 -1.32
C HIS A 724 23.41 -1.23 -1.23
N THR A 725 23.70 -0.26 -0.38
CA THR A 725 22.67 0.69 0.01
C THR A 725 23.25 2.09 0.27
N GLY A 726 22.44 3.12 0.03
CA GLY A 726 22.87 4.49 0.29
C GLY A 726 23.94 5.05 -0.63
N TYR A 727 24.46 6.22 -0.29
CA TYR A 727 25.52 6.85 -1.09
C TYR A 727 26.79 5.99 -1.08
N LEU A 728 27.50 5.97 -2.21
CA LEU A 728 28.73 5.23 -2.32
C LEU A 728 29.86 6.20 -2.67
N ILE A 729 31.04 5.96 -2.10
CA ILE A 729 32.19 6.79 -2.38
C ILE A 729 33.37 5.95 -2.85
N TYR A 730 33.95 6.35 -3.98
CA TYR A 730 35.11 5.67 -4.51
C TYR A 730 36.30 6.60 -4.51
N ARG A 731 37.48 6.03 -4.26
CA ARG A 731 38.72 6.80 -4.27
C ARG A 731 39.79 6.10 -5.10
N GLY A 732 40.19 6.75 -6.20
CA GLY A 732 41.24 6.22 -7.08
C GLY A 732 42.60 6.89 -6.93
N HIS A 733 43.60 6.12 -6.49
CA HIS A 733 44.92 6.65 -6.21
C HIS A 733 45.85 6.42 -7.40
N PHE A 734 46.52 7.46 -7.88
CA PHE A 734 47.52 7.28 -8.92
C PHE A 734 48.68 8.29 -8.86
N VAL A 735 49.81 7.92 -9.48
CA VAL A 735 50.92 8.84 -9.67
C VAL A 735 50.85 9.46 -11.06
N ALA A 736 50.90 10.79 -11.14
CA ALA A 736 50.80 11.46 -12.43
C ALA A 736 52.02 11.20 -13.31
N ASN A 737 51.84 11.33 -14.61
CA ASN A 737 52.96 11.29 -15.54
C ASN A 737 53.06 12.54 -16.42
N GLY A 738 52.15 13.49 -16.20
CA GLY A 738 52.19 14.74 -16.94
C GLY A 738 51.60 14.62 -18.34
N LYS A 739 51.13 13.45 -18.71
CA LYS A 739 50.54 13.25 -20.03
C LYS A 739 49.00 13.22 -20.02
N GLU A 740 48.39 13.40 -18.85
CA GLU A 740 46.94 13.30 -18.70
C GLU A 740 46.23 14.56 -19.19
N SER A 741 45.11 14.37 -19.89
CA SER A 741 44.32 15.50 -20.41
C SER A 741 42.83 15.37 -20.12
N GLU A 742 42.30 14.15 -20.17
CA GLU A 742 40.89 13.89 -19.88
C GLU A 742 40.71 12.72 -18.92
N PHE A 743 39.63 12.75 -18.15
CA PHE A 743 39.25 11.58 -17.37
C PHE A 743 37.83 11.14 -17.71
N PHE A 744 37.69 9.93 -18.23
CA PHE A 744 36.35 9.45 -18.54
C PHE A 744 35.86 8.48 -17.47
N ILE A 745 34.58 8.57 -17.11
CA ILE A 745 34.01 7.68 -16.11
C ILE A 745 32.52 7.37 -16.34
N ARG A 746 32.18 6.09 -16.33
CA ARG A 746 30.80 5.64 -16.44
C ARG A 746 30.36 5.18 -15.06
N THR A 747 29.40 5.87 -14.46
CA THR A 747 28.88 5.51 -13.14
C THR A 747 27.47 4.95 -13.21
N GLN A 748 27.10 4.16 -12.22
CA GLN A 748 25.77 3.56 -12.18
C GLN A 748 25.13 3.50 -10.80
N GLY A 749 24.02 4.19 -10.63
CA GLY A 749 23.35 4.25 -9.34
C GLY A 749 21.88 3.90 -9.38
N GLY A 750 21.41 3.41 -10.53
CA GLY A 750 20.01 3.15 -10.74
C GLY A 750 19.40 4.43 -11.27
N SER A 751 18.20 4.35 -11.83
CA SER A 751 17.58 5.50 -12.49
C SER A 751 17.39 6.67 -11.55
N ALA A 752 17.67 7.87 -12.08
CA ALA A 752 17.59 9.14 -11.36
C ALA A 752 18.75 9.39 -10.40
N PHE A 753 19.80 8.58 -10.52
CA PHE A 753 20.98 8.79 -9.68
C PHE A 753 21.82 9.98 -10.17
N GLY A 754 22.64 10.50 -9.27
CA GLY A 754 23.63 11.48 -9.63
C GLY A 754 25.00 11.03 -9.13
N SER A 755 26.05 11.63 -9.69
CA SER A 755 27.40 11.41 -9.18
C SER A 755 28.23 12.66 -9.39
N SER A 756 29.25 12.83 -8.52
CA SER A 756 30.14 13.98 -8.54
C SER A 756 31.59 13.50 -8.39
N VAL A 757 32.51 14.17 -9.08
CA VAL A 757 33.92 13.78 -9.09
C VAL A 757 34.82 14.96 -8.79
N TRP A 758 35.82 14.71 -7.94
CA TRP A 758 36.90 15.67 -7.69
C TRP A 758 38.23 15.00 -8.03
N LEU A 759 39.18 15.80 -8.52
CA LEU A 759 40.58 15.36 -8.59
C LEU A 759 41.31 16.16 -7.52
N ASN A 760 41.97 15.46 -6.60
CA ASN A 760 42.35 16.05 -5.30
C ASN A 760 41.25 16.97 -4.74
N GLU A 761 41.49 18.28 -4.69
CA GLU A 761 40.46 19.19 -4.16
C GLU A 761 39.77 19.98 -5.25
N THR A 762 40.07 19.64 -6.50
CA THR A 762 39.48 20.33 -7.63
C THR A 762 38.28 19.57 -8.18
N TYR A 763 37.14 20.27 -8.19
CA TYR A 763 35.88 19.74 -8.71
C TYR A 763 35.97 19.65 -10.23
N LEU A 764 35.61 18.48 -10.76
CA LEU A 764 35.57 18.25 -12.21
C LEU A 764 34.18 18.39 -12.83
N GLY A 765 33.16 17.98 -12.07
CA GLY A 765 31.78 18.02 -12.54
C GLY A 765 30.90 16.92 -11.95
N SER A 766 29.66 16.89 -12.43
CA SER A 766 28.67 15.96 -11.91
C SER A 766 27.85 15.34 -13.03
N TRP A 767 27.42 14.11 -12.82
CA TRP A 767 26.30 13.59 -13.60
C TRP A 767 25.08 13.97 -12.76
N THR A 768 24.32 14.91 -13.32
CA THR A 768 23.29 15.65 -12.63
C THR A 768 22.05 14.81 -12.35
N GLY A 769 21.83 13.81 -13.20
CA GLY A 769 20.74 12.88 -12.99
C GLY A 769 19.48 13.15 -13.79
N ALA A 770 18.85 12.06 -14.21
CA ALA A 770 17.56 12.14 -14.85
C ALA A 770 16.84 10.81 -14.64
N ASP A 771 15.51 10.85 -14.73
CA ASP A 771 14.65 9.70 -14.51
C ASP A 771 14.93 8.47 -15.40
N TYR A 772 15.35 8.67 -16.64
CA TYR A 772 15.57 7.55 -17.58
C TYR A 772 16.95 6.90 -17.43
N ALA A 773 17.90 7.60 -16.82
CA ALA A 773 19.28 7.16 -16.84
C ALA A 773 19.70 6.40 -15.59
N MET A 774 19.89 5.10 -15.73
CA MET A 774 20.35 4.26 -14.64
C MET A 774 21.87 4.37 -14.53
N ASP A 775 22.51 4.82 -15.59
CA ASP A 775 23.95 4.97 -15.65
C ASP A 775 24.31 6.32 -16.27
N GLY A 776 25.57 6.73 -16.13
CA GLY A 776 26.00 8.03 -16.65
C GLY A 776 27.39 8.03 -17.25
N ASN A 777 27.51 8.59 -18.45
CA ASN A 777 28.79 8.72 -19.14
C ASN A 777 29.33 10.13 -18.99
N SER A 778 30.52 10.28 -18.40
CA SER A 778 31.08 11.61 -18.17
C SER A 778 32.54 11.75 -18.61
N THR A 779 32.84 12.83 -19.31
CA THR A 779 34.20 13.13 -19.72
C THR A 779 34.60 14.49 -19.15
N TYR A 780 35.62 14.51 -18.31
CA TYR A 780 36.09 15.78 -17.73
C TYR A 780 37.51 16.11 -18.17
N LYS A 781 37.70 17.38 -18.56
CA LYS A 781 38.99 17.89 -18.99
C LYS A 781 39.90 18.21 -17.80
N LEU A 782 41.20 17.96 -17.99
CA LEU A 782 42.18 18.18 -16.94
C LEU A 782 43.29 19.09 -17.42
N SER A 783 43.49 20.21 -16.73
CA SER A 783 44.71 20.98 -16.91
C SER A 783 45.87 20.14 -16.38
N GLN A 784 47.08 20.43 -16.84
CA GLN A 784 48.20 19.53 -16.64
C GLN A 784 48.55 19.23 -15.17
N LEU A 785 48.92 17.97 -14.91
CA LEU A 785 49.25 17.50 -13.58
C LEU A 785 50.76 17.50 -13.34
N GLU A 786 51.16 17.61 -12.09
CA GLU A 786 52.58 17.58 -11.72
C GLU A 786 53.12 16.15 -11.81
N SER A 787 53.92 15.89 -12.82
CA SER A 787 54.49 14.56 -13.03
C SER A 787 55.22 14.04 -11.80
N GLY A 788 54.86 12.84 -11.36
CA GLY A 788 55.51 12.21 -10.23
C GLY A 788 54.79 12.37 -8.89
N LYS A 789 53.85 13.31 -8.83
CA LYS A 789 53.09 13.50 -7.60
C LYS A 789 51.88 12.56 -7.50
N ASN A 790 51.49 12.22 -6.27
CA ASN A 790 50.25 11.48 -6.00
C ASN A 790 48.99 12.29 -6.26
N TYR A 791 47.99 11.65 -6.86
CA TYR A 791 46.69 12.28 -7.01
C TYR A 791 45.60 11.32 -6.59
N VAL A 792 44.50 11.85 -6.06
CA VAL A 792 43.39 10.98 -5.73
C VAL A 792 42.08 11.48 -6.36
N ILE A 793 41.40 10.58 -7.06
CA ILE A 793 40.12 10.87 -7.67
C ILE A 793 39.02 10.39 -6.74
N THR A 794 38.16 11.31 -6.32
CA THR A 794 37.06 10.95 -5.42
C THR A 794 35.73 11.00 -6.16
N VAL A 795 35.02 9.87 -6.16
CA VAL A 795 33.74 9.80 -6.85
C VAL A 795 32.64 9.47 -5.86
N VAL A 796 31.60 10.30 -5.81
CA VAL A 796 30.46 10.07 -4.94
C VAL A 796 29.29 9.66 -5.81
N ILE A 797 28.61 8.58 -5.45
CA ILE A 797 27.51 8.04 -6.28
C ILE A 797 26.18 7.77 -5.53
N ASP A 798 25.12 8.45 -5.90
CA ASP A 798 23.81 8.17 -5.33
C ASP A 798 23.33 6.79 -5.78
N ASN A 799 22.98 5.93 -4.83
CA ASN A 799 22.41 4.63 -5.14
C ASN A 799 20.94 4.68 -4.73
N LEU A 800 20.05 4.44 -5.68
CA LEU A 800 18.64 4.59 -5.39
C LEU A 800 17.95 3.25 -5.18
N GLY A 801 18.74 2.21 -4.90
CA GLY A 801 18.22 0.89 -4.68
C GLY A 801 18.63 -0.06 -5.78
N LEU A 802 18.42 -1.36 -5.56
CA LEU A 802 18.75 -2.35 -6.58
C LEU A 802 17.52 -2.65 -7.42
N ASP A 803 17.74 -3.17 -8.63
CA ASP A 803 16.62 -3.42 -9.54
C ASP A 803 15.79 -4.55 -9.04
N GLU A 804 14.55 -4.55 -9.49
CA GLU A 804 13.77 -5.75 -9.45
C GLU A 804 14.23 -6.75 -10.49
N ASN A 805 13.63 -7.93 -10.46
CA ASN A 805 14.01 -9.01 -11.36
C ASN A 805 12.75 -9.61 -11.96
N TRP A 806 11.96 -8.76 -12.61
CA TRP A 806 10.64 -9.14 -13.08
C TRP A 806 10.62 -10.29 -14.08
N THR A 807 11.54 -10.25 -15.06
CA THR A 807 11.61 -11.29 -16.08
C THR A 807 12.62 -12.38 -15.70
N VAL A 808 12.12 -13.60 -15.53
CA VAL A 808 12.97 -14.73 -15.17
C VAL A 808 13.96 -15.06 -16.28
N GLY A 809 15.25 -14.97 -15.97
CA GLY A 809 16.29 -15.30 -16.93
C GLY A 809 17.05 -14.07 -17.38
N GLU A 810 16.48 -12.90 -17.10
CA GLU A 810 17.04 -11.63 -17.54
C GLU A 810 18.04 -11.04 -16.50
N GLU A 811 17.88 -11.44 -15.24
CA GLU A 811 18.82 -11.10 -14.16
C GLU A 811 19.06 -9.61 -13.87
N THR A 812 18.02 -8.78 -13.96
CA THR A 812 18.22 -7.35 -13.85
C THR A 812 18.59 -6.90 -12.43
N MET A 813 18.24 -7.71 -11.42
CA MET A 813 18.57 -7.38 -10.04
C MET A 813 20.10 -7.36 -9.81
N LYS A 814 20.83 -8.05 -10.70
CA LYS A 814 22.29 -8.12 -10.61
C LYS A 814 23.00 -6.94 -11.28
N ASN A 815 22.22 -5.99 -11.80
CA ASN A 815 22.78 -4.72 -12.24
C ASN A 815 23.59 -4.08 -11.13
N PRO A 816 24.90 -3.96 -11.35
CA PRO A 816 25.81 -3.48 -10.30
C PRO A 816 25.63 -2.00 -10.00
N ARG A 817 26.04 -1.59 -8.81
CA ARG A 817 26.11 -0.18 -8.46
C ARG A 817 27.57 0.20 -8.35
N GLY A 818 27.94 1.36 -8.90
CA GLY A 818 29.32 1.84 -8.76
C GLY A 818 29.94 2.37 -10.03
N ILE A 819 31.22 2.05 -10.23
CA ILE A 819 31.94 2.49 -11.42
C ILE A 819 32.01 1.35 -12.45
N LEU A 820 31.45 1.61 -13.63
CA LEU A 820 31.37 0.58 -14.68
C LEU A 820 32.64 0.56 -15.52
N SER A 821 33.12 1.75 -15.87
CA SER A 821 34.40 1.85 -16.56
C SER A 821 34.96 3.26 -16.45
N TYR A 822 36.21 3.39 -16.86
CA TYR A 822 36.92 4.66 -16.79
C TYR A 822 38.16 4.65 -17.67
N LYS A 823 38.58 5.84 -18.08
CA LYS A 823 39.80 5.98 -18.85
C LYS A 823 40.47 7.26 -18.41
N LEU A 824 41.71 7.12 -17.94
CA LEU A 824 42.54 8.28 -17.62
C LEU A 824 43.47 8.45 -18.82
N SER A 825 43.25 9.51 -19.59
CA SER A 825 44.00 9.71 -20.82
C SER A 825 45.51 9.73 -20.52
N GLY A 826 46.28 9.03 -21.36
CA GLY A 826 47.72 9.03 -21.24
C GLY A 826 48.21 8.16 -20.12
N GLN A 827 47.31 7.40 -19.51
CA GLN A 827 47.69 6.46 -18.47
C GLN A 827 46.99 5.12 -18.64
N ASP A 828 47.62 4.08 -18.14
CA ASP A 828 47.06 2.75 -18.21
C ASP A 828 46.09 2.55 -17.05
N ALA A 829 44.93 1.96 -17.31
CA ALA A 829 43.88 1.85 -16.30
C ALA A 829 44.35 1.24 -14.98
N SER A 830 45.27 0.29 -15.04
CA SER A 830 45.72 -0.36 -13.82
C SER A 830 46.62 0.54 -12.99
N ALA A 831 46.97 1.70 -13.52
CA ALA A 831 47.76 2.65 -12.76
C ALA A 831 46.95 3.29 -11.61
N ILE A 832 45.63 3.29 -11.74
CA ILE A 832 44.73 3.74 -10.66
C ILE A 832 44.32 2.59 -9.74
N THR A 833 44.61 2.70 -8.44
CA THR A 833 44.14 1.69 -7.49
C THR A 833 43.09 2.26 -6.54
N TRP A 834 41.99 1.54 -6.41
CA TRP A 834 40.76 2.09 -5.87
C TRP A 834 40.42 1.60 -4.47
N LYS A 835 39.90 2.51 -3.69
CA LYS A 835 39.25 2.17 -2.44
C LYS A 835 37.78 2.60 -2.56
N LEU A 836 36.92 1.96 -1.79
CA LEU A 836 35.50 2.30 -1.81
C LEU A 836 34.89 2.15 -0.43
N THR A 837 33.78 2.84 -0.19
CA THR A 837 32.95 2.57 0.97
C THR A 837 31.49 2.78 0.66
N GLY A 838 30.66 1.98 1.31
CA GLY A 838 29.25 2.28 1.45
C GLY A 838 29.00 2.40 2.94
N ASN A 839 27.90 1.84 3.42
CA ASN A 839 27.60 1.90 4.85
C ASN A 839 28.69 1.21 5.65
N LEU A 840 29.04 1.78 6.80
CA LEU A 840 30.11 1.26 7.64
C LEU A 840 29.89 -0.19 8.02
N GLY A 841 30.90 -1.02 7.78
CA GLY A 841 30.78 -2.43 8.04
C GLY A 841 30.20 -3.27 6.91
N GLY A 842 29.70 -2.60 5.87
CA GLY A 842 29.01 -3.31 4.81
C GLY A 842 27.89 -4.22 5.31
N GLU A 843 27.99 -5.50 4.96
CA GLU A 843 27.00 -6.48 5.40
C GLU A 843 27.06 -6.67 6.91
N ASP A 844 28.17 -6.28 7.53
CA ASP A 844 28.25 -6.19 8.97
C ASP A 844 27.66 -4.87 9.44
N TYR A 845 26.39 -4.67 9.15
CA TYR A 845 25.78 -3.36 9.27
C TYR A 845 25.62 -2.93 10.73
N GLN A 846 25.80 -1.64 10.97
CA GLN A 846 25.89 -1.09 12.32
C GLN A 846 24.56 -0.97 13.03
N ASP A 847 23.51 -0.57 12.32
CA ASP A 847 22.23 -0.30 12.97
C ASP A 847 21.23 -1.49 12.85
N LYS A 848 21.31 -2.41 13.81
CA LYS A 848 20.38 -3.55 13.84
C LYS A 848 18.95 -3.09 14.04
N VAL A 849 18.75 -2.00 14.78
CA VAL A 849 17.40 -1.50 15.02
C VAL A 849 16.71 -0.98 13.76
N ARG A 850 17.44 -0.27 12.91
CA ARG A 850 16.82 0.33 11.75
C ARG A 850 16.99 -0.49 10.47
N GLY A 851 17.72 -1.59 10.57
CA GLY A 851 17.85 -2.49 9.45
C GLY A 851 19.06 -2.21 8.58
N PRO A 852 19.34 -3.11 7.63
CA PRO A 852 20.55 -3.03 6.79
C PRO A 852 20.51 -1.98 5.69
N LEU A 853 19.44 -1.21 5.56
CA LEU A 853 19.33 -0.32 4.41
C LEU A 853 19.33 1.16 4.78
N ASN A 854 19.03 1.45 6.03
CA ASN A 854 18.75 2.80 6.47
C ASN A 854 19.85 3.87 6.25
N GLU A 855 21.09 3.52 6.54
CA GLU A 855 22.19 4.48 6.47
C GLU A 855 23.14 4.15 5.34
N GLY A 856 23.72 5.19 4.74
CA GLY A 856 24.60 5.02 3.60
C GLY A 856 26.07 5.26 3.92
N GLY A 857 26.80 5.76 2.92
CA GLY A 857 28.24 5.82 3.03
C GLY A 857 28.82 7.19 3.35
N LEU A 858 27.99 8.19 3.58
CA LEU A 858 28.51 9.48 3.98
C LEU A 858 29.26 9.37 5.31
N TYR A 859 30.27 10.21 5.48
CA TYR A 859 31.01 10.34 6.73
C TYR A 859 30.10 10.50 7.95
N ALA A 860 29.10 11.36 7.86
CA ALA A 860 28.21 11.59 8.98
C ALA A 860 27.43 10.32 9.31
N GLU A 861 27.07 9.57 8.27
CA GLU A 861 26.33 8.32 8.48
C GLU A 861 27.23 7.21 9.01
N ARG A 862 28.45 7.15 8.50
CA ARG A 862 29.42 6.18 9.02
C ARG A 862 29.63 6.38 10.53
N GLN A 863 29.68 7.62 11.00
CA GLN A 863 29.89 7.88 12.42
C GLN A 863 28.60 7.68 13.22
N GLY A 864 27.46 7.71 12.55
CA GLY A 864 26.18 7.62 13.23
C GLY A 864 25.64 8.96 13.71
N PHE A 865 26.06 10.05 13.08
CA PHE A 865 25.64 11.38 13.48
C PHE A 865 24.19 11.72 13.10
N HIS A 866 23.55 10.86 12.34
CA HIS A 866 22.17 11.10 11.94
C HIS A 866 21.23 10.66 13.05
N GLN A 867 21.79 10.06 14.10
CA GLN A 867 20.99 9.53 15.19
C GLN A 867 20.68 10.61 16.22
N PRO A 868 19.77 10.31 17.15
CA PRO A 868 19.48 11.24 18.24
C PRO A 868 20.72 11.67 18.99
N GLN A 869 20.70 12.93 19.45
CA GLN A 869 21.75 13.52 20.28
C GLN A 869 23.14 13.45 19.66
N PRO A 870 23.30 14.05 18.48
CA PRO A 870 24.62 14.08 17.82
C PRO A 870 25.59 14.92 18.63
N PRO A 871 26.90 14.64 18.48
CA PRO A 871 27.92 15.44 19.17
C PRO A 871 28.11 16.75 18.44
N SER A 872 27.12 17.63 18.48
CA SER A 872 27.10 18.75 17.55
C SER A 872 27.36 20.14 18.16
N GLU A 873 27.61 20.22 19.48
CA GLU A 873 27.77 21.54 20.11
C GLU A 873 29.05 22.19 19.59
N SER A 874 30.01 21.35 19.22
CA SER A 874 31.26 21.84 18.65
C SER A 874 31.16 22.19 17.17
N TRP A 875 30.00 21.97 16.55
CA TRP A 875 29.89 22.22 15.11
C TRP A 875 29.50 23.67 14.81
N GLU A 876 29.89 24.12 13.62
CA GLU A 876 29.58 25.44 13.12
C GLU A 876 28.07 25.71 12.99
N SER A 877 27.64 26.95 13.23
CA SER A 877 26.25 27.30 12.96
C SER A 877 26.02 27.40 11.47
N GLY A 878 24.93 26.81 11.00
CA GLY A 878 24.63 26.87 9.58
C GLY A 878 23.33 26.19 9.26
N SER A 879 22.47 26.89 8.53
CA SER A 879 21.20 26.33 8.14
C SER A 879 21.23 25.75 6.71
N PRO A 880 20.45 24.70 6.48
CA PRO A 880 20.34 24.22 5.09
C PRO A 880 19.66 25.24 4.16
N LEU A 881 18.97 26.22 4.74
CA LEU A 881 18.38 27.33 3.98
C LEU A 881 19.46 28.28 3.43
N GLU A 882 20.65 28.23 4.00
CA GLU A 882 21.77 29.04 3.52
C GLU A 882 22.66 28.18 2.63
N GLY A 883 22.84 26.93 3.03
CA GLY A 883 23.44 25.93 2.18
C GLY A 883 24.90 26.11 1.84
N LEU A 884 25.28 25.52 0.72
CA LEU A 884 26.66 25.44 0.29
C LEU A 884 26.98 26.49 -0.77
N SER A 885 28.22 26.97 -0.82
CA SER A 885 28.59 27.93 -1.86
C SER A 885 29.43 27.27 -2.96
N LYS A 886 29.71 25.97 -2.83
CA LYS A 886 30.46 25.24 -3.85
C LYS A 886 30.06 23.76 -3.82
N PRO A 887 30.47 22.98 -4.84
CA PRO A 887 30.09 21.56 -4.82
C PRO A 887 30.64 20.86 -3.60
N GLY A 888 29.92 19.85 -3.14
CA GLY A 888 30.32 19.14 -1.94
C GLY A 888 29.06 18.75 -1.24
N ILE A 889 29.18 18.29 0.01
CA ILE A 889 28.03 17.78 0.76
C ILE A 889 28.09 18.24 2.21
N GLY A 890 27.04 18.92 2.65
CA GLY A 890 26.95 19.35 4.03
C GLY A 890 26.04 18.43 4.85
N PHE A 891 26.22 18.45 6.17
CA PHE A 891 25.36 17.69 7.04
C PHE A 891 24.79 18.62 8.10
N TYR A 892 23.47 18.65 8.20
CA TYR A 892 22.78 19.62 9.04
C TYR A 892 22.00 18.93 10.12
N THR A 893 21.97 19.55 11.30
CA THR A 893 21.51 18.91 12.51
C THR A 893 20.80 19.91 13.41
N ALA A 894 19.68 19.50 13.98
CA ALA A 894 18.93 20.33 14.92
C ALA A 894 17.92 19.50 15.73
N GLN A 895 17.51 20.01 16.88
CA GLN A 895 16.49 19.36 17.67
C GLN A 895 15.36 20.32 18.01
N PHE A 896 14.18 19.75 18.24
CA PHE A 896 13.02 20.56 18.58
C PHE A 896 12.02 19.75 19.41
N ASP A 897 11.24 20.44 20.23
CA ASP A 897 10.24 19.76 21.05
C ASP A 897 8.90 19.80 20.37
N LEU A 898 8.09 18.78 20.62
CA LEU A 898 6.71 18.81 20.20
C LEU A 898 5.85 18.56 21.43
N ASP A 899 4.65 19.13 21.41
CA ASP A 899 3.78 19.03 22.55
C ASP A 899 2.31 18.92 22.11
N LEU A 900 2.06 18.01 21.18
CA LEU A 900 0.72 17.78 20.62
C LEU A 900 -0.21 17.08 21.62
N PRO A 901 -1.49 17.47 21.62
CA PRO A 901 -2.50 16.99 22.57
C PRO A 901 -2.84 15.50 22.44
N LYS A 902 -2.83 14.78 23.56
CA LYS A 902 -3.31 13.41 23.61
C LYS A 902 -4.74 13.34 23.06
N GLY A 903 -5.04 12.26 22.34
CA GLY A 903 -6.39 12.03 21.87
C GLY A 903 -6.61 12.49 20.45
N TRP A 904 -5.54 12.95 19.80
CA TRP A 904 -5.61 13.52 18.45
C TRP A 904 -4.61 12.88 17.50
N ASP A 905 -5.11 12.44 16.35
CA ASP A 905 -4.27 11.94 15.25
C ASP A 905 -3.95 13.12 14.29
N VAL A 906 -2.69 13.51 14.21
CA VAL A 906 -2.32 14.69 13.42
C VAL A 906 -1.19 14.40 12.43
N PRO A 907 -1.52 14.42 11.14
CA PRO A 907 -0.46 14.16 10.15
C PRO A 907 0.51 15.32 10.10
N LEU A 908 1.81 15.01 10.15
CA LEU A 908 2.88 15.99 10.07
C LEU A 908 3.73 15.76 8.82
N TYR A 909 4.20 16.84 8.22
CA TYR A 909 4.96 16.76 6.99
C TYR A 909 6.19 17.64 7.03
N PHE A 910 7.30 17.15 6.49
CA PHE A 910 8.40 18.02 6.16
C PHE A 910 8.24 18.49 4.72
N ASN A 911 8.23 19.80 4.53
CA ASN A 911 8.06 20.41 3.22
C ASN A 911 9.32 21.10 2.70
N PHE A 912 9.69 20.81 1.48
CA PHE A 912 10.90 21.35 0.88
C PHE A 912 10.48 22.31 -0.22
N GLY A 913 11.05 23.51 -0.24
CA GLY A 913 10.82 24.41 -1.34
C GLY A 913 11.54 23.87 -2.57
N ASN A 914 11.11 24.26 -3.76
CA ASN A 914 11.76 23.80 -4.97
C ASN A 914 12.37 24.94 -5.78
N ASN A 915 13.67 25.16 -5.62
CA ASN A 915 14.32 26.24 -6.35
C ASN A 915 14.93 25.75 -7.65
N THR A 916 14.72 24.46 -7.92
CA THR A 916 15.17 23.76 -9.14
C THR A 916 16.66 23.49 -9.27
N GLN A 917 17.46 23.79 -8.25
CA GLN A 917 18.88 23.47 -8.30
C GLN A 917 19.17 21.97 -8.34
N ALA A 918 20.33 21.59 -8.87
CA ALA A 918 20.75 20.19 -8.89
C ALA A 918 21.30 19.84 -7.51
N ALA A 919 20.39 19.62 -6.56
CA ALA A 919 20.74 19.36 -5.17
C ALA A 919 20.00 18.12 -4.67
N ARG A 920 20.71 17.30 -3.89
CA ARG A 920 20.13 16.08 -3.35
C ARG A 920 20.13 16.15 -1.85
N ALA A 921 19.02 15.77 -1.24
CA ALA A 921 18.93 15.75 0.22
C ALA A 921 18.38 14.45 0.77
N GLN A 922 18.91 14.08 1.94
CA GLN A 922 18.39 12.97 2.72
C GLN A 922 17.88 13.49 4.04
N LEU A 923 16.64 13.16 4.37
CA LEU A 923 16.05 13.57 5.63
C LEU A 923 16.16 12.43 6.65
N TYR A 924 16.48 12.76 7.89
CA TYR A 924 16.49 11.78 8.98
C TYR A 924 15.67 12.31 10.15
N VAL A 925 14.81 11.47 10.69
CA VAL A 925 14.03 11.87 11.86
C VAL A 925 14.27 10.87 12.97
N ASN A 926 14.89 11.34 14.03
CA ASN A 926 15.29 10.47 15.12
C ASN A 926 16.03 9.21 14.66
N GLY A 927 16.86 9.36 13.64
CA GLY A 927 17.73 8.30 13.18
C GLY A 927 17.22 7.60 11.93
N TYR A 928 15.92 7.74 11.69
CA TYR A 928 15.25 7.05 10.58
C TYR A 928 15.25 7.90 9.34
N GLN A 929 15.79 7.36 8.25
CA GLN A 929 15.78 8.14 7.03
C GLN A 929 14.38 8.09 6.42
N TYR A 930 13.76 9.27 6.29
CA TYR A 930 12.38 9.37 5.82
C TYR A 930 12.19 10.26 4.60
N GLY A 931 13.22 10.40 3.78
CA GLY A 931 13.09 11.22 2.58
C GLY A 931 14.35 11.38 1.76
N LYS A 932 14.21 11.18 0.45
CA LYS A 932 15.24 11.57 -0.50
C LYS A 932 14.65 12.64 -1.44
N PHE A 933 15.17 13.85 -1.34
CA PHE A 933 14.70 14.96 -2.15
C PHE A 933 15.76 15.25 -3.18
N THR A 934 15.35 15.30 -4.45
CA THR A 934 16.27 15.75 -5.49
C THR A 934 15.63 16.81 -6.37
N GLY A 935 16.20 18.01 -6.29
CA GLY A 935 15.59 19.24 -6.77
C GLY A 935 15.40 19.32 -8.27
N ASN A 936 16.26 18.64 -9.02
CA ASN A 936 16.15 18.66 -10.47
C ASN A 936 15.44 17.43 -11.09
N VAL A 937 14.90 16.53 -10.25
CA VAL A 937 14.20 15.34 -10.73
C VAL A 937 12.74 15.26 -10.24
N GLY A 938 12.53 15.40 -8.94
CA GLY A 938 11.18 15.42 -8.38
C GLY A 938 10.49 14.08 -8.40
N PRO A 939 9.18 14.05 -8.10
CA PRO A 939 8.29 15.21 -7.84
C PRO A 939 8.06 15.47 -6.36
N GLN A 940 8.67 14.71 -5.47
CA GLN A 940 8.29 14.83 -4.07
C GLN A 940 8.86 16.08 -3.38
N THR A 941 7.97 16.88 -2.78
CA THR A 941 8.38 18.03 -1.95
C THR A 941 7.79 17.96 -0.54
N SER A 942 6.71 17.22 -0.34
CA SER A 942 6.13 17.06 0.99
C SER A 942 6.35 15.64 1.54
N PHE A 943 7.02 15.53 2.68
CA PHE A 943 7.43 14.25 3.23
C PHE A 943 6.80 13.97 4.59
N PRO A 944 5.77 13.11 4.63
CA PRO A 944 5.10 12.81 5.89
C PRO A 944 5.94 11.83 6.72
N VAL A 945 5.88 11.99 8.04
CA VAL A 945 6.58 11.10 8.95
C VAL A 945 5.58 10.76 10.06
N PRO A 946 5.40 9.47 10.36
CA PRO A 946 4.33 9.09 11.29
C PRO A 946 4.66 9.33 12.77
N GLU A 947 3.62 9.44 13.59
CA GLU A 947 3.79 9.43 15.03
C GLU A 947 4.41 8.09 15.43
N GLY A 948 5.35 8.12 16.37
CA GLY A 948 6.09 6.92 16.71
C GLY A 948 7.51 7.21 16.30
N ILE A 949 7.68 7.53 15.01
CA ILE A 949 8.95 7.97 14.50
C ILE A 949 9.21 9.40 14.97
N LEU A 950 8.20 10.25 14.82
CA LEU A 950 8.18 11.55 15.49
C LEU A 950 7.63 11.34 16.91
N ASN A 951 8.24 12.02 17.87
CA ASN A 951 7.77 12.02 19.25
C ASN A 951 6.87 13.23 19.55
N TYR A 952 5.58 12.98 19.75
CA TYR A 952 4.60 14.08 19.79
C TYR A 952 4.60 14.88 21.10
N ARG A 953 5.08 14.24 22.17
CA ARG A 953 5.21 14.92 23.44
C ARG A 953 6.58 14.63 23.97
N GLY A 954 7.57 15.14 23.25
CA GLY A 954 8.96 14.91 23.60
C GLY A 954 9.89 15.61 22.63
N THR A 955 11.13 15.14 22.59
CA THR A 955 12.18 15.77 21.81
C THR A 955 12.41 15.02 20.50
N ASN A 956 12.69 15.76 19.44
CA ASN A 956 13.01 15.16 18.17
C ASN A 956 14.30 15.69 17.61
N TYR A 957 15.03 14.82 16.94
CA TYR A 957 16.31 15.17 16.35
C TYR A 957 16.19 15.02 14.85
N VAL A 958 16.30 16.14 14.13
CA VAL A 958 16.25 16.06 12.68
C VAL A 958 17.66 16.20 12.14
N ALA A 959 17.98 15.42 11.12
CA ALA A 959 19.24 15.56 10.41
C ALA A 959 19.00 15.61 8.91
N LEU A 960 19.89 16.28 8.19
CA LEU A 960 19.68 16.58 6.79
C LEU A 960 21.02 16.64 6.07
N SER A 961 21.24 15.76 5.11
CA SER A 961 22.42 15.88 4.25
C SER A 961 22.02 16.70 3.00
N LEU A 962 22.88 17.61 2.60
CA LEU A 962 22.62 18.43 1.42
C LEU A 962 23.80 18.37 0.46
N TRP A 963 23.56 17.80 -0.71
CA TRP A 963 24.61 17.56 -1.69
C TRP A 963 24.40 18.53 -2.86
N ALA A 964 25.46 19.28 -3.18
CA ALA A 964 25.40 20.26 -4.26
C ALA A 964 26.14 19.75 -5.48
N LEU A 965 25.41 19.54 -6.57
CA LEU A 965 25.98 19.01 -7.80
C LEU A 965 26.13 20.09 -8.85
N GLU A 966 26.16 21.34 -8.41
CA GLU A 966 26.40 22.44 -9.33
C GLU A 966 27.47 23.37 -8.77
N SER A 967 28.23 24.00 -9.65
CA SER A 967 29.43 24.74 -9.27
C SER A 967 29.17 25.98 -8.42
N ASP A 968 27.95 26.50 -8.46
CA ASP A 968 27.54 27.64 -7.63
C ASP A 968 27.17 27.24 -6.20
N GLY A 969 27.25 25.95 -5.88
CA GLY A 969 26.74 25.45 -4.62
C GLY A 969 25.24 25.17 -4.67
N ALA A 970 24.60 25.02 -3.50
CA ALA A 970 23.14 24.82 -3.43
C ALA A 970 22.54 25.07 -2.06
N LYS A 971 21.23 25.33 -2.05
CA LYS A 971 20.51 25.55 -0.80
C LYS A 971 19.06 25.06 -0.92
N LEU A 972 18.37 24.95 0.21
CA LEU A 972 16.92 24.70 0.18
C LEU A 972 16.15 26.02 0.06
N GLY A 973 15.16 26.03 -0.83
CA GLY A 973 14.38 27.23 -1.08
C GLY A 973 13.60 27.61 0.17
N SER A 974 13.07 26.59 0.83
CA SER A 974 12.38 26.74 2.10
C SER A 974 12.35 25.37 2.78
N PHE A 975 12.05 25.34 4.07
CA PHE A 975 12.00 24.09 4.82
C PHE A 975 11.04 24.30 5.98
N GLU A 976 9.77 23.93 5.77
CA GLU A 976 8.73 24.14 6.77
C GLU A 976 8.22 22.79 7.27
N LEU A 977 7.75 22.77 8.49
CA LEU A 977 7.04 21.63 9.03
C LEU A 977 5.54 21.96 9.08
N SER A 978 4.68 21.20 8.40
CA SER A 978 3.25 21.52 8.36
C SER A 978 2.35 20.38 8.82
N TYR A 979 1.05 20.68 8.96
CA TYR A 979 0.08 19.65 9.34
C TYR A 979 -1.26 19.76 8.62
N THR A 980 -2.01 18.66 8.58
CA THR A 980 -3.35 18.66 8.02
C THR A 980 -4.37 18.27 9.10
N THR A 981 -5.66 18.22 8.74
CA THR A 981 -6.75 18.14 9.75
C THR A 981 -6.52 17.25 10.97
N PRO A 982 -6.46 17.86 12.16
CA PRO A 982 -6.38 17.06 13.39
C PRO A 982 -7.64 16.21 13.57
N VAL A 983 -7.49 14.93 13.85
CA VAL A 983 -8.61 14.00 13.96
C VAL A 983 -8.77 13.55 15.40
N LEU A 984 -9.96 13.74 15.95
CA LEU A 984 -10.25 13.26 17.30
C LEU A 984 -10.36 11.74 17.26
N THR A 985 -9.41 11.06 17.88
CA THR A 985 -9.30 9.62 17.70
C THR A 985 -9.66 8.81 18.93
N GLY A 986 -10.32 7.69 18.70
CA GLY A 986 -10.61 6.73 19.75
C GLY A 986 -9.58 5.62 19.83
N TYR A 987 -8.51 5.74 19.04
CA TYR A 987 -7.40 4.82 19.10
C TYR A 987 -6.63 5.10 20.37
N GLY A 988 -5.87 4.12 20.83
CA GLY A 988 -5.12 4.30 22.06
C GLY A 988 -3.87 5.13 21.91
N ASN A 989 -2.92 4.89 22.81
CA ASN A 989 -1.64 5.56 22.80
C ASN A 989 -0.76 4.95 21.71
N VAL A 990 -0.03 5.79 21.00
CA VAL A 990 0.89 5.34 19.98
C VAL A 990 2.28 5.26 20.58
N GLU A 991 2.82 4.05 20.67
CA GLU A 991 4.15 3.88 21.25
C GLU A 991 5.27 4.02 20.23
N SER A 992 6.31 4.75 20.60
CA SER A 992 7.47 4.90 19.74
C SER A 992 8.25 3.59 19.75
N PRO A 993 8.83 3.22 18.61
CA PRO A 993 9.82 2.14 18.60
C PRO A 993 11.19 2.67 19.00
N GLU A 994 12.17 1.79 19.10
CA GLU A 994 13.50 2.19 19.55
C GLU A 994 14.06 3.28 18.64
N GLN A 995 14.68 4.29 19.25
CA GLN A 995 15.37 5.34 18.52
C GLN A 995 16.78 5.50 19.11
N PRO A 996 17.64 4.49 18.90
CA PRO A 996 19.01 4.46 19.44
C PRO A 996 19.72 5.77 19.20
N LYS A 997 20.42 6.29 20.20
CA LYS A 997 21.10 7.55 20.07
C LYS A 997 22.51 7.40 19.49
N TYR A 998 23.10 8.53 19.10
CA TYR A 998 24.47 8.52 18.65
C TYR A 998 25.42 7.93 19.71
N GLU A 999 26.30 7.07 19.25
CA GLU A 999 27.41 6.60 20.06
C GLU A 999 28.61 6.30 19.20
N GLN A 1000 29.78 6.65 19.70
CA GLN A 1000 31.02 6.42 18.96
C GLN A 1000 31.15 4.96 18.54
N ARG A 1001 31.43 4.78 17.26
CA ARG A 1001 31.53 3.46 16.67
C ARG A 1001 32.99 2.99 16.58
N LYS A 1002 33.21 1.74 16.97
CA LYS A 1002 34.51 1.10 16.82
C LYS A 1002 34.88 1.05 15.34
N GLY A 1003 36.01 1.66 14.98
CA GLY A 1003 36.52 1.56 13.62
C GLY A 1003 35.87 2.44 12.57
N ALA A 1004 35.16 3.48 13.00
CA ALA A 1004 34.60 4.42 12.05
C ALA A 1004 35.73 5.17 11.38
N TYR A 1005 35.50 5.56 10.13
CA TYR A 1005 36.44 6.41 9.38
C TYR A 1005 35.62 7.49 8.66
#